data_7EC9
#
_entry.id   7EC9
#
_cell.length_a   61.330
_cell.length_b   62.280
_cell.length_c   202.690
_cell.angle_alpha   90.000
_cell.angle_beta   90.000
_cell.angle_gamma   90.000
#
_symmetry.space_group_name_H-M   'P 21 21 21'
#
loop_
_entity.id
_entity.type
_entity.pdbx_description
1 polymer Endoglucanase
2 non-polymer 1-DEOXYNOJIRIMYCIN
3 non-polymer 'ISOPROPYL ALCOHOL'
4 water water
#
_entity_poly.entity_id   1
_entity_poly.type   'polypeptide(L)'
_entity_poly.pdbx_seq_one_letter_code
;MGSDKIHHHHHHMNNTIPRWRGFNLLEAFSIKSTGNFKEEDFLWMAQWDFNFVRIPMCHLLWSDRGNPFIIREDFFEKID
RVIFWGEKYGIHICISLHRAPGYSVNKEVEEKTNLWKDETAQEAFIHHWSFIARRYKGISSTHLSFNLINEPPFPDPQIM
SVEDHNSLIKRTITEIRKIDPERLIIIDGLGYGNIPVDDLTIENTVQSCRGYIPFSVTHYKAEWVDSKDFPVPEWPNGWH
FGEYWNREKLLEHYLTWIKLRQKGIEVFCGEMGAYNKTPHDVVLKWLEDLLEIFKTLNIGFALWNFRGPFGILDSERKDV
EYEEWYGHKLDRKMLELLRKY
;
_entity_poly.pdbx_strand_id   A,B
#
# COMPACT_ATOMS: atom_id res chain seq x y z
N ARG A 19 5.49 -30.44 13.70
CA ARG A 19 5.44 -28.98 13.78
C ARG A 19 6.85 -28.42 13.92
N TRP A 20 7.18 -27.43 13.10
CA TRP A 20 8.50 -26.84 13.10
C TRP A 20 8.68 -25.86 14.25
N ARG A 21 9.80 -25.98 14.96
CA ARG A 21 10.13 -25.10 16.09
C ARG A 21 11.62 -24.85 16.06
N GLY A 22 12.01 -23.58 15.90
CA GLY A 22 13.42 -23.28 15.77
C GLY A 22 13.76 -21.82 15.59
N PHE A 23 14.69 -21.55 14.67
CA PHE A 23 15.35 -20.26 14.58
C PHE A 23 15.69 -19.92 13.13
N ASN A 24 15.89 -18.63 12.89
CA ASN A 24 16.60 -18.17 11.72
C ASN A 24 18.08 -18.03 12.07
N LEU A 25 18.94 -18.35 11.10
CA LEU A 25 20.38 -18.14 11.22
C LEU A 25 20.80 -17.16 10.13
N LEU A 26 21.67 -16.21 10.48
CA LEU A 26 21.90 -15.01 9.67
C LEU A 26 23.28 -14.95 9.02
N GLU A 27 24.04 -16.04 8.98
CA GLU A 27 25.39 -15.98 8.42
C GLU A 27 25.42 -15.81 6.90
N ALA A 28 24.28 -15.77 6.22
CA ALA A 28 24.22 -15.40 4.80
C ALA A 28 23.24 -14.26 4.57
N PHE A 29 22.97 -13.46 5.60
CA PHE A 29 21.87 -12.50 5.59
C PHE A 29 22.25 -11.19 4.91
N SER A 30 23.51 -10.77 5.03
CA SER A 30 23.95 -9.43 4.67
C SER A 30 25.05 -9.51 3.62
N ILE A 31 25.21 -8.41 2.88
CA ILE A 31 26.29 -8.31 1.91
C ILE A 31 27.65 -8.42 2.60
N LYS A 32 27.71 -8.18 3.90
CA LYS A 32 28.94 -8.33 4.66
C LYS A 32 29.05 -9.67 5.37
N SER A 33 28.09 -10.57 5.18
CA SER A 33 28.09 -11.83 5.91
C SER A 33 29.18 -12.75 5.36
N THR A 34 29.69 -13.62 6.23
CA THR A 34 30.77 -14.53 5.86
C THR A 34 30.28 -15.77 5.13
N GLY A 35 29.01 -16.12 5.27
CA GLY A 35 28.50 -17.37 4.75
C GLY A 35 28.85 -18.59 5.57
N ASN A 36 29.58 -18.43 6.67
CA ASN A 36 30.10 -19.57 7.44
C ASN A 36 29.22 -19.78 8.66
N PHE A 37 28.25 -20.67 8.52
CA PHE A 37 27.39 -21.02 9.63
C PHE A 37 28.17 -21.86 10.63
N LYS A 38 27.67 -21.86 11.87
CA LYS A 38 28.37 -22.44 13.00
C LYS A 38 27.72 -23.77 13.34
N GLU A 39 28.46 -24.87 13.18
CA GLU A 39 27.90 -26.18 13.45
C GLU A 39 27.35 -26.28 14.87
N GLU A 40 28.00 -25.61 15.83
CA GLU A 40 27.54 -25.76 17.21
C GLU A 40 26.16 -25.15 17.42
N ASP A 41 25.74 -24.19 16.58
CA ASP A 41 24.36 -23.71 16.66
C ASP A 41 23.39 -24.86 16.46
N PHE A 42 23.68 -25.74 15.49
CA PHE A 42 22.81 -26.87 15.21
C PHE A 42 22.86 -27.90 16.32
N LEU A 43 24.06 -28.20 16.82
CA LEU A 43 24.21 -29.11 17.96
C LEU A 43 23.38 -28.64 19.15
N TRP A 44 23.51 -27.37 19.52
CA TRP A 44 22.84 -26.85 20.70
C TRP A 44 21.33 -26.82 20.52
N MET A 45 20.83 -26.37 19.38
CA MET A 45 19.38 -26.34 19.24
C MET A 45 18.81 -27.75 19.18
N ALA A 46 19.55 -28.71 18.62
CA ALA A 46 19.09 -30.10 18.66
C ALA A 46 19.05 -30.62 20.10
N GLN A 47 20.07 -30.29 20.90
CA GLN A 47 20.10 -30.75 22.29
C GLN A 47 18.96 -30.12 23.10
N TRP A 48 18.46 -28.97 22.66
CA TRP A 48 17.32 -28.33 23.29
C TRP A 48 16.01 -28.74 22.63
N ASP A 49 16.04 -29.70 21.70
CA ASP A 49 14.87 -30.35 21.13
C ASP A 49 14.15 -29.50 20.07
N PHE A 50 14.88 -28.60 19.43
CA PHE A 50 14.35 -27.89 18.28
C PHE A 50 14.62 -28.67 17.00
N ASN A 51 13.88 -28.33 15.94
CA ASN A 51 13.92 -29.15 14.75
C ASN A 51 13.87 -28.35 13.44
N PHE A 52 14.15 -27.04 13.46
CA PHE A 52 13.94 -26.22 12.28
C PHE A 52 14.88 -25.03 12.26
N VAL A 53 15.42 -24.74 11.08
CA VAL A 53 16.18 -23.53 10.86
C VAL A 53 15.75 -22.92 9.53
N ARG A 54 15.57 -21.61 9.53
CA ARG A 54 15.41 -20.83 8.31
C ARG A 54 16.67 -20.04 8.02
N ILE A 55 17.07 -20.03 6.75
CA ILE A 55 18.30 -19.39 6.30
C ILE A 55 17.95 -18.24 5.35
N PRO A 56 17.81 -17.00 5.84
CA PRO A 56 17.53 -15.86 4.96
C PRO A 56 18.81 -15.44 4.25
N MET A 57 18.82 -15.55 2.93
CA MET A 57 20.03 -15.37 2.14
C MET A 57 19.95 -14.10 1.29
N CYS A 58 21.08 -13.42 1.20
CA CYS A 58 21.24 -12.23 0.37
C CYS A 58 21.89 -12.62 -0.96
N HIS A 59 21.14 -12.50 -2.07
CA HIS A 59 21.66 -13.01 -3.34
C HIS A 59 22.94 -12.32 -3.78
N LEU A 60 23.20 -11.12 -3.28
CA LEU A 60 24.42 -10.44 -3.69
C LEU A 60 25.68 -11.14 -3.18
N LEU A 61 25.55 -12.04 -2.22
CA LEU A 61 26.71 -12.82 -1.78
C LEU A 61 27.25 -13.72 -2.89
N TRP A 62 26.41 -14.10 -3.86
CA TRP A 62 26.85 -14.89 -5.00
C TRP A 62 26.51 -14.24 -6.33
N SER A 63 26.00 -13.01 -6.33
CA SER A 63 25.57 -12.37 -7.56
C SER A 63 26.11 -10.94 -7.60
N ASP A 64 25.43 -10.05 -8.31
CA ASP A 64 25.96 -8.72 -8.56
C ASP A 64 24.82 -7.70 -8.60
N ARG A 65 25.12 -6.50 -8.10
CA ARG A 65 24.11 -5.43 -8.09
C ARG A 65 23.73 -4.99 -9.49
N GLY A 66 24.71 -4.94 -10.40
CA GLY A 66 24.46 -4.45 -11.74
C GLY A 66 23.95 -5.51 -12.69
N ASN A 67 24.32 -6.77 -12.44
CA ASN A 67 23.95 -7.89 -13.29
C ASN A 67 23.33 -8.99 -12.44
N PRO A 68 21.99 -9.07 -12.38
CA PRO A 68 21.35 -10.05 -11.50
C PRO A 68 21.43 -11.48 -11.99
N PHE A 69 22.00 -11.73 -13.16
CA PHE A 69 22.11 -13.09 -13.66
C PHE A 69 23.44 -13.75 -13.28
N ILE A 70 24.34 -13.02 -12.61
CA ILE A 70 25.59 -13.61 -12.14
C ILE A 70 25.30 -14.60 -11.03
N ILE A 71 25.88 -15.79 -11.13
CA ILE A 71 25.88 -16.77 -10.05
C ILE A 71 27.31 -17.28 -9.86
N ARG A 72 27.87 -17.03 -8.69
CA ARG A 72 29.16 -17.61 -8.30
C ARG A 72 28.84 -18.87 -7.50
N GLU A 73 28.97 -20.03 -8.17
CA GLU A 73 28.50 -21.29 -7.58
C GLU A 73 29.28 -21.66 -6.32
N ASP A 74 30.54 -21.26 -6.22
CA ASP A 74 31.37 -21.66 -5.09
C ASP A 74 30.74 -21.27 -3.76
N PHE A 75 29.99 -20.17 -3.72
CA PHE A 75 29.38 -19.76 -2.46
C PHE A 75 28.56 -20.88 -1.84
N PHE A 76 27.91 -21.69 -2.67
CA PHE A 76 26.95 -22.67 -2.15
C PHE A 76 27.61 -23.89 -1.51
N GLU A 77 28.93 -24.01 -1.57
CA GLU A 77 29.60 -25.00 -0.73
C GLU A 77 29.32 -24.73 0.75
N LYS A 78 29.09 -23.47 1.10
CA LYS A 78 28.75 -23.12 2.48
C LYS A 78 27.34 -23.57 2.83
N ILE A 79 26.42 -23.47 1.87
CA ILE A 79 25.06 -23.93 2.12
C ILE A 79 25.01 -25.46 2.12
N ASP A 80 25.87 -26.09 1.33
CA ASP A 80 25.99 -27.55 1.38
C ASP A 80 26.24 -28.01 2.81
N ARG A 81 27.10 -27.29 3.54
CA ARG A 81 27.44 -27.69 4.90
C ARG A 81 26.22 -27.60 5.80
N VAL A 82 25.45 -26.52 5.68
CA VAL A 82 24.22 -26.35 6.44
C VAL A 82 23.28 -27.52 6.22
N ILE A 83 23.13 -27.96 4.98
CA ILE A 83 22.23 -29.08 4.72
C ILE A 83 22.77 -30.36 5.36
N PHE A 84 24.09 -30.56 5.31
CA PHE A 84 24.70 -31.71 6.00
C PHE A 84 24.40 -31.66 7.49
N TRP A 85 24.57 -30.48 8.11
CA TRP A 85 24.32 -30.37 9.55
C TRP A 85 22.84 -30.54 9.86
N GLY A 86 21.96 -30.05 8.99
CA GLY A 86 20.54 -30.32 9.15
C GLY A 86 20.25 -31.80 9.24
N GLU A 87 20.87 -32.59 8.35
CA GLU A 87 20.71 -34.04 8.37
C GLU A 87 21.33 -34.64 9.64
N LYS A 88 22.53 -34.19 9.99
CA LYS A 88 23.24 -34.76 11.12
C LYS A 88 22.46 -34.56 12.42
N TYR A 89 21.81 -33.41 12.57
CA TYR A 89 21.21 -33.04 13.84
C TYR A 89 19.69 -33.08 13.83
N GLY A 90 19.08 -33.56 12.74
CA GLY A 90 17.63 -33.69 12.70
C GLY A 90 16.92 -32.35 12.66
N ILE A 91 17.46 -31.39 11.91
CA ILE A 91 16.94 -30.03 11.83
C ILE A 91 16.59 -29.77 10.36
N HIS A 92 15.31 -29.51 10.10
CA HIS A 92 14.88 -29.14 8.76
C HIS A 92 15.50 -27.80 8.37
N ILE A 93 15.93 -27.70 7.11
CA ILE A 93 16.52 -26.48 6.57
C ILE A 93 15.54 -25.84 5.61
N CYS A 94 15.18 -24.58 5.87
CA CYS A 94 14.39 -23.77 4.95
C CYS A 94 15.28 -22.68 4.39
N ILE A 95 15.60 -22.78 3.11
CA ILE A 95 16.42 -21.79 2.42
C ILE A 95 15.50 -20.71 1.86
N SER A 96 15.87 -19.45 2.11
CA SER A 96 15.03 -18.31 1.78
C SER A 96 15.84 -17.25 1.04
N LEU A 97 15.22 -16.58 0.08
CA LEU A 97 15.84 -15.41 -0.54
C LEU A 97 15.37 -14.19 0.22
N HIS A 98 16.26 -13.62 1.03
CA HIS A 98 15.93 -12.39 1.75
C HIS A 98 16.13 -11.17 0.88
N ARG A 99 17.18 -11.19 0.05
CA ARG A 99 17.32 -10.29 -1.08
C ARG A 99 17.39 -11.13 -2.34
N ALA A 100 16.61 -10.74 -3.33
CA ALA A 100 16.62 -11.31 -4.66
C ALA A 100 16.65 -10.15 -5.64
N PRO A 101 16.95 -10.42 -6.90
CA PRO A 101 16.89 -9.33 -7.90
C PRO A 101 15.59 -8.57 -7.82
N GLY A 102 15.67 -7.28 -7.47
CA GLY A 102 14.50 -6.45 -7.46
C GLY A 102 13.68 -6.43 -6.18
N TYR A 103 14.12 -7.09 -5.10
CA TYR A 103 13.37 -6.96 -3.87
C TYR A 103 14.16 -7.36 -2.63
N SER A 104 14.11 -6.49 -1.62
CA SER A 104 14.49 -6.86 -0.26
C SER A 104 13.92 -5.81 0.69
N VAL A 105 13.51 -6.27 1.88
CA VAL A 105 13.17 -5.35 2.96
C VAL A 105 14.41 -4.77 3.62
N ASN A 106 15.58 -5.37 3.41
CA ASN A 106 16.82 -4.88 3.99
C ASN A 106 17.30 -3.65 3.22
N LYS A 107 17.45 -2.52 3.91
CA LYS A 107 17.79 -1.27 3.27
C LYS A 107 19.29 -1.07 3.07
N GLU A 108 20.13 -2.06 3.41
CA GLU A 108 21.57 -1.87 3.28
C GLU A 108 21.97 -1.65 1.83
N VAL A 109 21.18 -2.18 0.89
CA VAL A 109 21.33 -1.93 -0.54
C VAL A 109 19.95 -1.61 -1.11
N GLU A 110 19.88 -0.58 -1.95
CA GLU A 110 18.63 -0.22 -2.61
C GLU A 110 18.55 -0.91 -3.96
N GLU A 111 17.51 -1.73 -4.14
CA GLU A 111 17.27 -2.35 -5.43
C GLU A 111 16.80 -1.32 -6.44
N LYS A 112 17.48 -1.27 -7.59
CA LYS A 112 17.12 -0.33 -8.64
C LYS A 112 15.95 -0.81 -9.49
N THR A 113 15.61 -2.09 -9.43
CA THR A 113 14.48 -2.63 -10.16
C THR A 113 13.42 -3.11 -9.18
N ASN A 114 12.25 -3.42 -9.72
CA ASN A 114 11.09 -3.84 -8.93
C ASN A 114 10.71 -5.25 -9.35
N LEU A 115 11.06 -6.24 -8.52
CA LEU A 115 10.77 -7.63 -8.82
C LEU A 115 9.32 -7.86 -9.20
N TRP A 116 8.39 -7.10 -8.61
CA TRP A 116 6.98 -7.41 -8.75
C TRP A 116 6.43 -7.01 -10.11
N LYS A 117 7.08 -6.07 -10.80
CA LYS A 117 6.66 -5.57 -12.11
C LYS A 117 7.62 -5.88 -13.23
N ASP A 118 8.91 -6.03 -12.95
CA ASP A 118 9.95 -5.95 -13.98
C ASP A 118 10.27 -7.35 -14.49
N GLU A 119 10.03 -7.57 -15.79
CA GLU A 119 10.23 -8.87 -16.40
C GLU A 119 11.66 -9.35 -16.25
N THR A 120 12.63 -8.44 -16.33
CA THR A 120 14.02 -8.85 -16.26
C THR A 120 14.38 -9.31 -14.86
N ALA A 121 13.87 -8.61 -13.84
CA ALA A 121 14.13 -9.05 -12.46
C ALA A 121 13.48 -10.40 -12.20
N GLN A 122 12.29 -10.62 -12.75
CA GLN A 122 11.61 -11.89 -12.56
C GLN A 122 12.34 -13.01 -13.28
N GLU A 123 12.85 -12.74 -14.48
CA GLU A 123 13.69 -13.72 -15.15
C GLU A 123 14.88 -14.10 -14.28
N ALA A 124 15.52 -13.11 -13.65
CA ALA A 124 16.69 -13.40 -12.85
C ALA A 124 16.31 -14.15 -11.58
N PHE A 125 15.20 -13.75 -10.95
CA PHE A 125 14.66 -14.46 -9.80
C PHE A 125 14.52 -15.95 -10.09
N ILE A 126 13.91 -16.28 -11.23
CA ILE A 126 13.69 -17.67 -11.60
C ILE A 126 15.01 -18.35 -11.92
N HIS A 127 15.93 -17.61 -12.55
CA HIS A 127 17.28 -18.12 -12.80
C HIS A 127 17.93 -18.60 -11.52
N HIS A 128 17.88 -17.79 -10.47
CA HIS A 128 18.49 -18.14 -9.21
C HIS A 128 17.81 -19.34 -8.58
N TRP A 129 16.48 -19.32 -8.51
CA TRP A 129 15.78 -20.44 -7.89
C TRP A 129 15.94 -21.72 -8.69
N SER A 130 16.06 -21.62 -10.02
CA SER A 130 16.31 -22.81 -10.83
C SER A 130 17.67 -23.39 -10.51
N PHE A 131 18.68 -22.53 -10.34
CA PHE A 131 20.00 -22.99 -9.96
C PHE A 131 19.94 -23.75 -8.64
N ILE A 132 19.29 -23.15 -7.63
CA ILE A 132 19.23 -23.77 -6.31
C ILE A 132 18.44 -25.07 -6.37
N ALA A 133 17.32 -25.08 -7.10
CA ALA A 133 16.51 -26.28 -7.22
C ALA A 133 17.30 -27.42 -7.82
N ARG A 134 18.09 -27.12 -8.85
CA ARG A 134 18.91 -28.14 -9.51
C ARG A 134 19.99 -28.65 -8.58
N ARG A 135 20.62 -27.77 -7.80
CA ARG A 135 21.72 -28.20 -6.94
C ARG A 135 21.24 -29.21 -5.90
N TYR A 136 20.05 -29.01 -5.34
CA TYR A 136 19.57 -29.82 -4.22
C TYR A 136 18.44 -30.76 -4.61
N LYS A 137 18.30 -31.08 -5.90
CA LYS A 137 17.22 -31.98 -6.34
C LYS A 137 17.25 -33.31 -5.62
N GLY A 138 18.42 -33.77 -5.20
CA GLY A 138 18.51 -35.03 -4.47
C GLY A 138 18.19 -34.99 -2.99
N ILE A 139 17.86 -33.83 -2.45
CA ILE A 139 17.61 -33.67 -1.01
C ILE A 139 16.10 -33.60 -0.80
N SER A 140 15.57 -34.51 0.02
CA SER A 140 14.12 -34.61 0.16
C SER A 140 13.56 -33.43 0.96
N SER A 141 12.27 -33.18 0.77
CA SER A 141 11.60 -32.09 1.45
C SER A 141 11.46 -32.32 2.94
N THR A 142 11.64 -33.55 3.41
CA THR A 142 11.77 -33.78 4.85
C THR A 142 12.90 -32.94 5.42
N HIS A 143 13.98 -32.79 4.65
CA HIS A 143 15.18 -32.09 5.10
C HIS A 143 15.30 -30.67 4.58
N LEU A 144 14.62 -30.31 3.48
CA LEU A 144 14.90 -29.05 2.80
C LEU A 144 13.65 -28.48 2.14
N SER A 145 13.38 -27.21 2.41
CA SER A 145 12.31 -26.47 1.75
C SER A 145 12.84 -25.14 1.24
N PHE A 146 12.10 -24.55 0.30
CA PHE A 146 12.47 -23.28 -0.35
C PHE A 146 11.41 -22.25 -0.01
N ASN A 147 11.85 -21.13 0.57
CA ASN A 147 11.01 -19.98 0.88
C ASN A 147 11.35 -18.89 -0.14
N LEU A 148 10.45 -18.66 -1.10
CA LEU A 148 10.85 -18.02 -2.35
C LEU A 148 11.31 -16.58 -2.14
N ILE A 149 10.59 -15.81 -1.33
CA ILE A 149 10.96 -14.41 -1.13
C ILE A 149 10.44 -13.94 0.23
N ASN A 150 11.30 -13.23 0.95
CA ASN A 150 10.97 -12.76 2.29
C ASN A 150 10.10 -11.51 2.23
N GLU A 151 8.98 -11.56 2.97
CA GLU A 151 8.15 -10.42 3.34
C GLU A 151 7.82 -9.48 2.17
N PRO A 152 7.01 -9.92 1.22
CA PRO A 152 6.45 -9.00 0.23
C PRO A 152 5.66 -7.91 0.92
N PRO A 153 5.52 -6.75 0.28
CA PRO A 153 4.84 -5.63 0.93
C PRO A 153 3.33 -5.76 0.89
N PHE A 154 2.64 -4.72 1.33
CA PHE A 154 1.20 -4.64 1.11
CA PHE A 154 1.20 -4.65 1.11
C PHE A 154 0.93 -4.50 -0.38
N PRO A 155 -0.15 -5.12 -0.91
CA PRO A 155 -0.35 -5.15 -2.37
C PRO A 155 -0.95 -3.86 -2.93
N ASP A 156 -0.24 -2.77 -2.74
CA ASP A 156 -0.49 -1.55 -3.48
C ASP A 156 -0.18 -1.79 -4.96
N PRO A 157 -1.18 -1.80 -5.86
CA PRO A 157 -0.90 -2.23 -7.25
C PRO A 157 -0.01 -1.29 -8.02
N GLN A 158 0.28 -0.10 -7.51
CA GLN A 158 1.31 0.73 -8.14
C GLN A 158 2.71 0.22 -7.87
N ILE A 159 2.87 -0.76 -6.96
CA ILE A 159 4.14 -1.40 -6.69
C ILE A 159 4.07 -2.91 -6.87
N MET A 160 3.05 -3.54 -6.27
CA MET A 160 2.84 -4.99 -6.38
C MET A 160 1.36 -5.25 -6.18
N SER A 161 0.66 -5.65 -7.23
CA SER A 161 -0.71 -6.09 -7.06
C SER A 161 -0.74 -7.51 -6.49
N VAL A 162 -1.89 -7.89 -5.96
CA VAL A 162 -2.06 -9.29 -5.57
C VAL A 162 -1.74 -10.20 -6.73
N GLU A 163 -2.20 -9.84 -7.94
CA GLU A 163 -1.99 -10.67 -9.12
C GLU A 163 -0.52 -10.68 -9.55
N ASP A 164 0.17 -9.54 -9.43
CA ASP A 164 1.62 -9.51 -9.66
C ASP A 164 2.31 -10.56 -8.80
N HIS A 165 2.01 -10.55 -7.51
CA HIS A 165 2.66 -11.47 -6.58
C HIS A 165 2.30 -12.92 -6.91
N ASN A 166 1.01 -13.20 -7.06
CA ASN A 166 0.59 -14.58 -7.25
C ASN A 166 1.09 -15.16 -8.56
N SER A 167 1.08 -14.36 -9.64
CA SER A 167 1.54 -14.89 -10.92
C SER A 167 3.04 -15.19 -10.88
N LEU A 168 3.82 -14.35 -10.20
CA LEU A 168 5.25 -14.60 -10.09
C LEU A 168 5.52 -15.85 -9.27
N ILE A 169 4.88 -15.97 -8.11
CA ILE A 169 5.07 -17.14 -7.27
C ILE A 169 4.66 -18.40 -8.03
N LYS A 170 3.52 -18.36 -8.71
CA LYS A 170 3.06 -19.54 -9.44
C LYS A 170 4.07 -19.97 -10.51
N ARG A 171 4.60 -19.02 -11.28
CA ARG A 171 5.49 -19.48 -12.34
C ARG A 171 6.86 -19.84 -11.82
N THR A 172 7.28 -19.25 -10.69
CA THR A 172 8.51 -19.71 -10.06
C THR A 172 8.35 -21.13 -9.52
N ILE A 173 7.22 -21.42 -8.88
CA ILE A 173 7.00 -22.78 -8.40
C ILE A 173 6.99 -23.76 -9.57
N THR A 174 6.34 -23.38 -10.67
CA THR A 174 6.30 -24.23 -11.85
C THR A 174 7.71 -24.59 -12.33
N GLU A 175 8.59 -23.59 -12.44
CA GLU A 175 9.94 -23.86 -12.91
C GLU A 175 10.73 -24.70 -11.90
N ILE A 176 10.58 -24.41 -10.61
CA ILE A 176 11.26 -25.22 -9.61
C ILE A 176 10.82 -26.67 -9.72
N ARG A 177 9.53 -26.90 -9.92
CA ARG A 177 9.03 -28.26 -9.90
C ARG A 177 9.17 -28.99 -11.21
N LYS A 178 9.46 -28.29 -12.31
CA LYS A 178 9.95 -29.00 -13.49
C LYS A 178 11.29 -29.66 -13.19
N ILE A 179 12.08 -29.02 -12.33
CA ILE A 179 13.38 -29.55 -11.96
C ILE A 179 13.25 -30.57 -10.82
N ASP A 180 12.40 -30.27 -9.85
CA ASP A 180 12.25 -31.10 -8.65
C ASP A 180 10.77 -31.13 -8.26
N PRO A 181 10.01 -32.07 -8.82
CA PRO A 181 8.55 -32.01 -8.68
C PRO A 181 8.04 -32.06 -7.25
N GLU A 182 8.80 -32.65 -6.32
CA GLU A 182 8.32 -32.86 -4.96
C GLU A 182 8.77 -31.80 -3.97
N ARG A 183 9.46 -30.75 -4.42
CA ARG A 183 10.04 -29.77 -3.50
C ARG A 183 8.97 -28.98 -2.77
N LEU A 184 9.07 -28.98 -1.44
CA LEU A 184 8.18 -28.21 -0.60
C LEU A 184 8.53 -26.72 -0.70
N ILE A 185 7.50 -25.88 -0.81
CA ILE A 185 7.66 -24.44 -1.00
C ILE A 185 6.95 -23.69 0.11
N ILE A 186 7.64 -22.71 0.68
CA ILE A 186 7.11 -21.83 1.73
C ILE A 186 6.87 -20.45 1.13
N ILE A 187 5.66 -19.92 1.33
CA ILE A 187 5.24 -18.65 0.74
C ILE A 187 4.93 -17.67 1.86
N ASP A 188 5.65 -16.56 1.90
CA ASP A 188 5.39 -15.53 2.91
C ASP A 188 4.08 -14.80 2.64
N GLY A 189 3.38 -14.46 3.72
CA GLY A 189 2.19 -13.64 3.58
C GLY A 189 2.51 -12.26 3.04
N LEU A 190 1.48 -11.61 2.49
CA LEU A 190 1.66 -10.22 2.06
C LEU A 190 1.62 -9.29 3.28
N GLY A 191 1.80 -8.00 3.03
CA GLY A 191 1.89 -7.06 4.13
C GLY A 191 3.03 -7.41 5.08
N TYR A 192 4.18 -7.77 4.51
CA TYR A 192 5.39 -8.12 5.26
C TYR A 192 5.16 -9.37 6.11
N GLY A 193 4.53 -10.36 5.50
CA GLY A 193 4.35 -11.65 6.16
C GLY A 193 3.19 -11.73 7.12
N ASN A 194 2.21 -10.82 7.00
CA ASN A 194 1.10 -10.77 7.93
C ASN A 194 -0.27 -11.08 7.35
N ILE A 195 -0.43 -11.11 6.02
CA ILE A 195 -1.72 -11.27 5.37
C ILE A 195 -1.73 -12.60 4.63
N PRO A 196 -2.63 -13.52 4.94
CA PRO A 196 -2.72 -14.76 4.17
C PRO A 196 -2.97 -14.47 2.69
N VAL A 197 -2.44 -15.33 1.82
CA VAL A 197 -2.60 -15.17 0.38
C VAL A 197 -3.73 -16.07 -0.07
N ASP A 198 -4.84 -15.47 -0.51
CA ASP A 198 -6.09 -16.21 -0.70
C ASP A 198 -6.03 -17.16 -1.89
N ASP A 199 -5.46 -16.73 -3.02
CA ASP A 199 -5.56 -17.46 -4.27
C ASP A 199 -4.32 -18.28 -4.59
N LEU A 200 -3.60 -18.75 -3.58
CA LEU A 200 -2.44 -19.63 -3.76
C LEU A 200 -2.73 -20.93 -3.03
N THR A 201 -3.58 -21.76 -3.63
CA THR A 201 -3.87 -23.10 -3.11
C THR A 201 -3.11 -24.09 -4.00
N ILE A 202 -1.81 -24.20 -3.72
CA ILE A 202 -0.89 -25.01 -4.53
C ILE A 202 -0.44 -26.20 -3.70
N GLU A 203 -0.41 -27.37 -4.34
CA GLU A 203 -0.05 -28.60 -3.65
C GLU A 203 1.32 -28.45 -2.98
N ASN A 204 1.42 -28.98 -1.76
CA ASN A 204 2.70 -29.13 -1.08
C ASN A 204 3.34 -27.76 -0.85
N THR A 205 2.55 -26.81 -0.37
CA THR A 205 3.05 -25.51 0.03
C THR A 205 2.61 -25.19 1.44
N VAL A 206 3.36 -24.27 2.05
CA VAL A 206 3.08 -23.74 3.37
C VAL A 206 3.17 -22.23 3.28
N GLN A 207 2.25 -21.54 3.93
CA GLN A 207 2.31 -20.09 4.00
C GLN A 207 2.84 -19.69 5.36
N SER A 208 3.61 -18.61 5.37
CA SER A 208 4.39 -18.20 6.54
C SER A 208 3.93 -16.83 7.01
N CYS A 209 3.54 -16.76 8.28
CA CYS A 209 3.12 -15.53 8.90
C CYS A 209 4.26 -14.97 9.77
N ARG A 210 3.94 -14.00 10.63
CA ARG A 210 4.94 -13.31 11.42
C ARG A 210 4.47 -13.10 12.85
N GLY A 211 5.45 -13.03 13.76
CA GLY A 211 5.21 -12.87 15.17
C GLY A 211 5.93 -11.66 15.74
N TYR A 212 5.67 -10.51 15.15
CA TYR A 212 6.23 -9.24 15.59
C TYR A 212 5.17 -8.30 16.12
N ILE A 213 3.91 -8.73 16.16
CA ILE A 213 2.81 -7.91 16.65
C ILE A 213 2.82 -7.99 18.17
N PRO A 214 2.90 -6.87 18.90
CA PRO A 214 2.92 -5.48 18.46
C PRO A 214 4.31 -4.87 18.41
N PHE A 215 4.50 -3.93 17.48
CA PHE A 215 5.81 -3.31 17.28
C PHE A 215 6.29 -2.54 18.51
N SER A 216 5.38 -2.01 19.34
CA SER A 216 5.86 -1.27 20.51
C SER A 216 6.59 -2.18 21.47
N VAL A 217 6.31 -3.48 21.42
CA VAL A 217 7.03 -4.48 22.22
C VAL A 217 8.23 -5.03 21.46
N THR A 218 8.03 -5.40 20.20
CA THR A 218 9.03 -6.18 19.47
C THR A 218 10.08 -5.32 18.78
N HIS A 219 9.79 -4.05 18.48
CA HIS A 219 10.68 -3.20 17.70
C HIS A 219 10.95 -1.88 18.40
N TYR A 220 10.75 -1.84 19.72
CA TYR A 220 11.06 -0.66 20.51
C TYR A 220 12.50 -0.24 20.28
N LYS A 221 12.70 1.03 19.92
CA LYS A 221 14.01 1.61 19.67
C LYS A 221 14.75 0.94 18.52
N ALA A 222 14.05 0.22 17.64
CA ALA A 222 14.69 -0.36 16.46
C ALA A 222 15.15 0.74 15.52
N GLU A 223 16.40 0.62 15.05
CA GLU A 223 17.03 1.62 14.20
C GLU A 223 16.55 1.55 12.75
N TRP A 224 16.10 0.39 12.31
CA TRP A 224 15.79 0.13 10.90
C TRP A 224 14.31 0.34 10.58
N VAL A 225 13.49 0.73 11.56
CA VAL A 225 12.13 1.18 11.32
C VAL A 225 11.96 2.53 12.01
N ASP A 226 10.92 3.24 11.63
CA ASP A 226 10.65 4.57 12.19
C ASP A 226 9.96 4.36 13.53
N SER A 227 10.78 4.25 14.59
CA SER A 227 10.33 3.84 15.91
C SER A 227 10.28 4.98 16.92
N LYS A 228 10.66 6.20 16.53
CA LYS A 228 10.88 7.24 17.53
C LYS A 228 9.62 7.57 18.32
N ASP A 229 8.43 7.37 17.73
CA ASP A 229 7.18 7.73 18.39
C ASP A 229 6.43 6.52 18.95
N PHE A 230 7.05 5.35 19.00
CA PHE A 230 6.44 4.21 19.66
C PHE A 230 6.23 4.53 21.14
N PRO A 231 5.11 4.11 21.73
CA PRO A 231 4.96 4.24 23.18
C PRO A 231 5.88 3.27 23.91
N VAL A 232 6.10 3.59 25.19
CA VAL A 232 6.82 2.74 26.14
C VAL A 232 6.26 1.32 26.03
N PRO A 233 7.09 0.28 25.96
CA PRO A 233 6.55 -1.08 25.85
C PRO A 233 5.70 -1.47 27.05
N GLU A 234 4.57 -2.10 26.76
CA GLU A 234 3.82 -2.79 27.80
C GLU A 234 3.05 -3.93 27.15
N TRP A 235 2.71 -4.91 27.97
CA TRP A 235 1.93 -6.03 27.52
C TRP A 235 1.11 -6.53 28.70
N PRO A 236 -0.20 -6.71 28.55
CA PRO A 236 -0.98 -6.47 27.33
C PRO A 236 -1.15 -4.99 27.01
N ASN A 237 -1.96 -4.72 25.99
CA ASN A 237 -2.21 -3.37 25.50
C ASN A 237 -0.96 -2.77 24.87
N GLY A 238 -0.19 -3.61 24.18
CA GLY A 238 0.86 -3.12 23.31
C GLY A 238 0.26 -2.44 22.10
N TRP A 239 1.13 -1.77 21.33
CA TRP A 239 0.71 -0.86 20.28
C TRP A 239 1.39 -1.23 18.97
N HIS A 240 0.62 -1.18 17.89
CA HIS A 240 1.09 -1.63 16.57
C HIS A 240 0.44 -0.77 15.50
N PHE A 241 1.22 0.13 14.89
CA PHE A 241 0.74 1.00 13.82
C PHE A 241 -0.65 1.55 14.11
N GLY A 242 -0.79 2.11 15.31
CA GLY A 242 -1.97 2.87 15.69
C GLY A 242 -3.00 2.09 16.48
N GLU A 243 -2.83 0.77 16.64
CA GLU A 243 -3.84 -0.09 17.22
C GLU A 243 -3.26 -0.79 18.45
N TYR A 244 -4.13 -1.06 19.42
CA TYR A 244 -3.75 -1.68 20.67
C TYR A 244 -4.06 -3.17 20.63
N TRP A 245 -3.17 -3.98 21.22
CA TRP A 245 -3.19 -5.42 21.08
C TRP A 245 -3.14 -6.09 22.44
N ASN A 246 -3.83 -7.23 22.51
CA ASN A 246 -3.80 -8.11 23.68
C ASN A 246 -3.85 -9.54 23.17
N ARG A 247 -3.94 -10.50 24.09
CA ARG A 247 -3.87 -11.90 23.70
C ARG A 247 -5.08 -12.30 22.86
N GLU A 248 -6.26 -11.78 23.19
CA GLU A 248 -7.45 -12.15 22.42
C GLU A 248 -7.33 -11.65 20.98
N LYS A 249 -6.75 -10.47 20.79
CA LYS A 249 -6.60 -9.93 19.45
C LYS A 249 -5.59 -10.72 18.65
N LEU A 250 -4.50 -11.17 19.31
CA LEU A 250 -3.55 -12.07 18.67
C LEU A 250 -4.23 -13.36 18.25
N LEU A 251 -5.07 -13.93 19.13
CA LEU A 251 -5.75 -15.17 18.79
C LEU A 251 -6.62 -14.99 17.56
N GLU A 252 -7.39 -13.89 17.50
CA GLU A 252 -8.23 -13.62 16.35
C GLU A 252 -7.40 -13.54 15.07
N HIS A 253 -6.25 -12.90 15.15
CA HIS A 253 -5.38 -12.70 13.99
C HIS A 253 -4.89 -14.04 13.45
N TYR A 254 -4.32 -14.89 14.31
CA TYR A 254 -3.78 -16.15 13.83
C TYR A 254 -4.89 -17.15 13.48
N LEU A 255 -6.10 -16.96 14.01
CA LEU A 255 -7.22 -17.76 13.54
C LEU A 255 -7.51 -17.52 12.06
N THR A 256 -7.37 -16.27 11.60
CA THR A 256 -7.55 -16.04 10.16
C THR A 256 -6.49 -16.76 9.36
N TRP A 257 -5.31 -16.96 9.96
CA TRP A 257 -4.24 -17.66 9.25
C TRP A 257 -4.53 -19.15 9.12
N ILE A 258 -4.94 -19.82 10.21
CA ILE A 258 -5.17 -21.27 10.10
C ILE A 258 -6.43 -21.59 9.32
N LYS A 259 -7.23 -20.59 8.96
CA LYS A 259 -8.31 -20.82 8.01
C LYS A 259 -7.78 -21.37 6.68
N LEU A 260 -6.50 -21.14 6.37
CA LEU A 260 -5.92 -21.69 5.16
C LEU A 260 -5.90 -23.21 5.16
N ARG A 261 -5.92 -23.84 6.34
CA ARG A 261 -5.95 -25.29 6.42
C ARG A 261 -7.22 -25.89 5.83
N GLN A 262 -8.30 -25.13 5.78
CA GLN A 262 -9.53 -25.60 5.14
C GLN A 262 -9.39 -25.69 3.63
N LYS A 263 -8.30 -25.15 3.07
CA LYS A 263 -7.97 -25.28 1.66
C LYS A 263 -6.79 -26.22 1.44
N GLY A 264 -6.41 -27.00 2.45
CA GLY A 264 -5.28 -27.91 2.31
C GLY A 264 -3.92 -27.25 2.37
N ILE A 265 -3.82 -26.08 2.98
CA ILE A 265 -2.56 -25.32 3.08
C ILE A 265 -2.18 -25.24 4.55
N GLU A 266 -0.94 -25.62 4.86
CA GLU A 266 -0.44 -25.49 6.22
C GLU A 266 0.17 -24.11 6.41
N VAL A 267 0.28 -23.69 7.67
CA VAL A 267 0.81 -22.38 8.00
C VAL A 267 1.84 -22.53 9.11
N PHE A 268 2.75 -21.56 9.18
CA PHE A 268 3.72 -21.55 10.25
C PHE A 268 4.32 -20.15 10.31
N CYS A 269 4.95 -19.84 11.43
CA CYS A 269 5.40 -18.47 11.73
C CYS A 269 6.91 -18.40 11.48
N GLY A 270 7.29 -17.81 10.34
CA GLY A 270 8.67 -17.88 9.88
C GLY A 270 9.64 -16.97 10.59
N GLU A 271 9.16 -15.91 11.24
CA GLU A 271 9.97 -15.06 12.08
C GLU A 271 9.14 -14.56 13.24
N MET A 272 9.73 -14.54 14.43
CA MET A 272 9.08 -13.94 15.58
C MET A 272 10.14 -13.46 16.56
N GLY A 273 9.71 -12.61 17.49
CA GLY A 273 10.54 -12.22 18.61
C GLY A 273 10.53 -10.74 18.91
N ALA A 274 11.32 -10.34 19.91
CA ALA A 274 11.42 -8.96 20.36
C ALA A 274 12.88 -8.53 20.41
N TYR A 275 13.10 -7.26 20.08
CA TYR A 275 14.42 -6.64 20.09
C TYR A 275 14.90 -6.42 21.53
N ASN A 276 16.15 -6.00 21.67
CA ASN A 276 16.85 -6.13 22.94
C ASN A 276 16.86 -4.83 23.76
N LYS A 277 16.03 -3.86 23.41
CA LYS A 277 15.85 -2.67 24.24
C LYS A 277 14.53 -2.71 25.00
N THR A 278 13.70 -3.70 24.75
CA THR A 278 12.45 -3.84 25.47
C THR A 278 12.70 -4.51 26.82
N PRO A 279 12.16 -3.98 27.92
CA PRO A 279 12.38 -4.63 29.22
C PRO A 279 11.97 -6.10 29.20
N HIS A 280 12.76 -6.90 29.90
CA HIS A 280 12.65 -8.34 29.80
C HIS A 280 11.30 -8.82 30.33
N ASP A 281 10.79 -8.18 31.38
CA ASP A 281 9.50 -8.63 31.93
C ASP A 281 8.40 -8.53 30.88
N VAL A 282 8.42 -7.46 30.06
CA VAL A 282 7.43 -7.31 28.99
C VAL A 282 7.65 -8.35 27.91
N VAL A 283 8.90 -8.56 27.50
CA VAL A 283 9.19 -9.55 26.47
C VAL A 283 8.65 -10.92 26.87
N LEU A 284 8.92 -11.34 28.10
CA LEU A 284 8.52 -12.68 28.52
C LEU A 284 7.00 -12.81 28.61
N LYS A 285 6.32 -11.76 29.08
CA LYS A 285 4.86 -11.83 29.15
C LYS A 285 4.25 -11.91 27.75
N TRP A 286 4.76 -11.10 26.82
CA TRP A 286 4.25 -11.11 25.46
C TRP A 286 4.57 -12.42 24.75
N LEU A 287 5.81 -12.90 24.88
CA LEU A 287 6.19 -14.12 24.17
C LEU A 287 5.43 -15.33 24.70
N GLU A 288 5.20 -15.37 26.01
CA GLU A 288 4.40 -16.45 26.57
C GLU A 288 3.00 -16.48 25.95
N ASP A 289 2.36 -15.31 25.86
CA ASP A 289 1.03 -15.25 25.24
C ASP A 289 1.08 -15.69 23.78
N LEU A 290 2.07 -15.21 23.02
CA LEU A 290 2.15 -15.60 21.62
C LEU A 290 2.31 -17.12 21.50
N LEU A 291 3.17 -17.69 22.34
CA LEU A 291 3.44 -19.12 22.25
C LEU A 291 2.25 -19.95 22.73
N GLU A 292 1.48 -19.43 23.70
CA GLU A 292 0.25 -20.10 24.09
C GLU A 292 -0.70 -20.19 22.91
N ILE A 293 -0.79 -19.12 22.13
CA ILE A 293 -1.66 -19.12 20.96
C ILE A 293 -1.11 -20.07 19.90
N PHE A 294 0.20 -20.04 19.65
CA PHE A 294 0.76 -20.93 18.63
C PHE A 294 0.58 -22.39 19.02
N LYS A 295 0.71 -22.72 20.30
CA LYS A 295 0.48 -24.10 20.73
C LYS A 295 -0.99 -24.47 20.57
N THR A 296 -1.88 -23.56 20.97
CA THR A 296 -3.33 -23.77 20.83
C THR A 296 -3.70 -24.11 19.39
N LEU A 297 -3.17 -23.36 18.44
CA LEU A 297 -3.52 -23.48 17.04
C LEU A 297 -2.53 -24.35 16.26
N ASN A 298 -1.56 -24.96 16.94
CA ASN A 298 -0.58 -25.85 16.32
C ASN A 298 0.17 -25.15 15.19
N ILE A 299 0.61 -23.92 15.47
CA ILE A 299 1.41 -23.13 14.53
C ILE A 299 2.87 -23.24 14.93
N GLY A 300 3.70 -23.71 14.00
CA GLY A 300 5.13 -23.74 14.21
C GLY A 300 5.73 -22.34 14.19
N PHE A 301 7.00 -22.24 14.63
CA PHE A 301 7.60 -20.92 14.80
C PHE A 301 9.11 -20.98 14.63
N ALA A 302 9.68 -19.83 14.25
CA ALA A 302 11.13 -19.64 14.23
C ALA A 302 11.45 -18.27 14.81
N LEU A 303 12.20 -18.27 15.92
CA LEU A 303 12.69 -17.02 16.46
C LEU A 303 13.66 -16.38 15.47
N TRP A 304 13.63 -15.04 15.38
CA TRP A 304 14.38 -14.39 14.31
C TRP A 304 15.89 -14.57 14.49
N ASN A 305 16.39 -14.65 15.72
CA ASN A 305 17.79 -14.98 15.94
C ASN A 305 17.89 -16.19 16.88
N PHE A 306 19.00 -16.91 16.74
CA PHE A 306 19.48 -17.86 17.75
C PHE A 306 20.46 -17.09 18.64
N ARG A 307 21.64 -16.79 18.10
CA ARG A 307 22.52 -15.76 18.65
C ARG A 307 22.17 -14.42 18.00
N GLY A 308 21.98 -13.39 18.82
CA GLY A 308 21.76 -12.06 18.31
C GLY A 308 20.72 -11.30 19.10
N PRO A 309 20.45 -10.05 18.68
CA PRO A 309 19.53 -9.18 19.44
C PRO A 309 18.14 -9.75 19.68
N PHE A 310 17.60 -10.49 18.71
CA PHE A 310 16.30 -11.12 18.82
C PHE A 310 16.38 -12.56 19.34
N GLY A 311 17.55 -12.99 19.80
CA GLY A 311 17.80 -14.38 20.09
C GLY A 311 17.75 -14.73 21.57
N ILE A 312 18.00 -16.01 21.83
CA ILE A 312 18.18 -16.52 23.18
C ILE A 312 19.62 -16.44 23.65
N LEU A 313 20.56 -16.19 22.74
CA LEU A 313 21.98 -16.14 23.06
C LEU A 313 22.56 -14.81 22.60
N ASP A 314 23.45 -14.25 23.41
CA ASP A 314 24.22 -13.07 23.01
C ASP A 314 23.32 -11.92 22.61
N SER A 315 22.20 -11.76 23.31
CA SER A 315 21.21 -10.77 22.93
C SER A 315 21.46 -9.39 23.53
N GLU A 316 22.46 -9.26 24.40
CA GLU A 316 22.92 -7.96 24.90
C GLU A 316 21.83 -7.18 25.62
N ARG A 317 20.92 -7.87 26.30
CA ARG A 317 19.93 -7.22 27.13
C ARG A 317 20.56 -6.80 28.45
N LYS A 318 20.19 -5.61 28.93
CA LYS A 318 20.82 -5.08 30.12
C LYS A 318 20.20 -5.57 31.42
N ASP A 319 19.03 -6.23 31.36
CA ASP A 319 18.28 -6.61 32.55
C ASP A 319 18.10 -8.13 32.67
N VAL A 320 19.02 -8.90 32.11
CA VAL A 320 18.94 -10.36 32.14
C VAL A 320 20.15 -10.93 32.88
N GLU A 321 19.90 -11.92 33.74
CA GLU A 321 20.98 -12.67 34.40
C GLU A 321 21.37 -13.81 33.46
N TYR A 322 22.32 -13.53 32.58
CA TYR A 322 22.68 -14.51 31.56
C TYR A 322 23.40 -15.71 32.17
N GLU A 323 23.07 -16.88 31.67
CA GLU A 323 23.76 -18.12 32.00
C GLU A 323 24.95 -18.30 31.06
N GLU A 324 26.05 -18.81 31.60
CA GLU A 324 27.20 -19.15 30.76
C GLU A 324 26.79 -20.23 29.78
N TRP A 325 27.18 -20.05 28.52
CA TRP A 325 26.94 -21.10 27.53
C TRP A 325 28.14 -21.16 26.59
N TYR A 326 29.20 -21.80 27.07
CA TYR A 326 30.39 -22.11 26.27
C TYR A 326 30.92 -20.88 25.54
N GLY A 327 31.12 -19.80 26.30
CA GLY A 327 31.62 -18.56 25.76
C GLY A 327 30.54 -17.60 25.31
N HIS A 328 29.30 -18.03 25.30
CA HIS A 328 28.16 -17.20 24.95
C HIS A 328 27.35 -16.90 26.20
N LYS A 329 26.34 -16.05 26.02
CA LYS A 329 25.47 -15.61 27.10
C LYS A 329 24.05 -16.06 26.80
N LEU A 330 23.47 -16.89 27.68
CA LEU A 330 22.19 -17.55 27.44
C LEU A 330 21.09 -16.93 28.29
N ASP A 331 20.02 -16.51 27.62
CA ASP A 331 18.77 -16.08 28.27
C ASP A 331 17.95 -17.35 28.54
N ARG A 332 18.18 -17.94 29.72
CA ARG A 332 17.59 -19.24 30.02
C ARG A 332 16.07 -19.16 30.09
N LYS A 333 15.53 -18.09 30.68
CA LYS A 333 14.07 -18.00 30.78
C LYS A 333 13.42 -17.96 29.40
N MET A 334 14.00 -17.19 28.48
CA MET A 334 13.45 -17.16 27.13
C MET A 334 13.55 -18.54 26.48
N LEU A 335 14.71 -19.18 26.58
CA LEU A 335 14.87 -20.53 26.04
C LEU A 335 13.80 -21.48 26.58
N GLU A 336 13.58 -21.47 27.90
CA GLU A 336 12.66 -22.46 28.47
C GLU A 336 11.22 -22.18 28.09
N LEU A 337 10.86 -20.90 27.87
CA LEU A 337 9.55 -20.60 27.30
C LEU A 337 9.39 -21.26 25.95
N LEU A 338 10.37 -21.10 25.07
CA LEU A 338 10.31 -21.70 23.75
C LEU A 338 10.23 -23.22 23.84
N ARG A 339 11.01 -23.82 24.75
CA ARG A 339 11.04 -25.28 24.85
C ARG A 339 9.72 -25.85 25.36
N LYS A 340 8.97 -25.09 26.14
CA LYS A 340 7.75 -25.65 26.73
C LYS A 340 6.54 -25.49 25.82
N TYR A 341 6.66 -24.72 24.75
CA TYR A 341 5.57 -24.50 23.82
C TYR A 341 5.91 -25.01 22.41
N ARG B 19 -27.33 14.31 -13.94
CA ARG B 19 -25.95 13.82 -14.02
C ARG B 19 -25.00 15.00 -14.18
N TRP B 20 -23.96 15.02 -13.34
CA TRP B 20 -22.98 16.10 -13.35
C TRP B 20 -22.00 15.95 -14.50
N ARG B 21 -21.75 17.04 -15.22
CA ARG B 21 -20.82 17.07 -16.33
C ARG B 21 -20.11 18.42 -16.29
N GLY B 22 -18.80 18.41 -16.07
CA GLY B 22 -18.07 19.66 -16.01
C GLY B 22 -16.58 19.55 -15.82
N PHE B 23 -16.04 20.32 -14.88
CA PHE B 23 -14.60 20.60 -14.78
C PHE B 23 -14.20 20.81 -13.32
N ASN B 24 -12.90 20.65 -13.05
CA ASN B 24 -12.28 21.18 -11.85
C ASN B 24 -11.69 22.54 -12.16
N LEU B 25 -11.76 23.45 -11.19
CA LEU B 25 -11.11 24.75 -11.28
C LEU B 25 -10.07 24.85 -10.18
N LEU B 26 -8.89 25.40 -10.51
CA LEU B 26 -7.70 25.24 -9.69
C LEU B 26 -7.22 26.54 -9.03
N GLU B 27 -8.03 27.59 -9.02
CA GLU B 27 -7.55 28.85 -8.48
C GLU B 27 -7.41 28.84 -6.95
N ALA B 28 -7.76 27.74 -6.26
CA ALA B 28 -7.48 27.57 -4.84
C ALA B 28 -6.69 26.29 -4.56
N PHE B 29 -6.00 25.78 -5.57
CA PHE B 29 -5.41 24.44 -5.53
C PHE B 29 -4.09 24.40 -4.78
N SER B 30 -3.27 25.45 -4.91
CA SER B 30 -1.88 25.43 -4.47
C SER B 30 -1.64 26.49 -3.39
N ILE B 31 -0.58 26.28 -2.60
CA ILE B 31 -0.21 27.26 -1.59
C ILE B 31 0.08 28.62 -2.22
N LYS B 32 0.45 28.63 -3.50
CA LYS B 32 0.74 29.86 -4.21
C LYS B 32 -0.47 30.44 -4.94
N SER B 33 -1.63 29.81 -4.83
CA SER B 33 -2.80 30.27 -5.56
C SER B 33 -3.35 31.56 -4.95
N THR B 34 -4.08 32.31 -5.78
CA THR B 34 -4.66 33.59 -5.40
C THR B 34 -6.09 33.47 -4.91
N GLY B 35 -6.75 32.36 -5.21
CA GLY B 35 -8.16 32.19 -4.90
C GLY B 35 -9.11 32.97 -5.75
N ASN B 36 -8.64 33.61 -6.82
CA ASN B 36 -9.48 34.48 -7.63
C ASN B 36 -9.92 33.71 -8.87
N PHE B 37 -11.05 33.02 -8.72
CA PHE B 37 -11.67 32.31 -9.83
C PHE B 37 -12.22 33.32 -10.84
N LYS B 38 -12.40 32.84 -12.06
CA LYS B 38 -12.78 33.66 -13.20
C LYS B 38 -14.24 33.44 -13.55
N GLU B 39 -15.03 34.52 -13.51
CA GLU B 39 -16.46 34.37 -13.79
C GLU B 39 -16.71 33.87 -15.20
N GLU B 40 -15.89 34.29 -16.16
CA GLU B 40 -16.11 33.88 -17.54
C GLU B 40 -15.97 32.37 -17.72
N ASP B 41 -15.19 31.71 -16.85
CA ASP B 41 -15.15 30.24 -16.88
C ASP B 41 -16.56 29.67 -16.69
N PHE B 42 -17.32 30.23 -15.74
CA PHE B 42 -18.68 29.77 -15.48
C PHE B 42 -19.61 30.12 -16.62
N LEU B 43 -19.49 31.35 -17.13
CA LEU B 43 -20.28 31.77 -18.28
C LEU B 43 -20.08 30.82 -19.45
N TRP B 44 -18.82 30.55 -19.80
CA TRP B 44 -18.54 29.75 -20.98
C TRP B 44 -19.00 28.31 -20.80
N MET B 45 -18.74 27.69 -19.64
CA MET B 45 -19.14 26.30 -19.51
C MET B 45 -20.66 26.16 -19.46
N ALA B 46 -21.36 27.15 -18.88
CA ALA B 46 -22.81 27.10 -18.92
C ALA B 46 -23.33 27.22 -20.35
N GLN B 47 -22.71 28.09 -21.16
CA GLN B 47 -23.09 28.25 -22.55
C GLN B 47 -22.77 27.01 -23.38
N TRP B 48 -21.83 26.18 -22.92
CA TRP B 48 -21.57 24.89 -23.55
C TRP B 48 -22.35 23.75 -22.90
N ASP B 49 -23.28 24.07 -22.00
CA ASP B 49 -24.27 23.15 -21.44
C ASP B 49 -23.69 22.21 -20.40
N PHE B 50 -22.60 22.59 -19.74
CA PHE B 50 -22.10 21.88 -18.57
C PHE B 50 -22.77 22.44 -17.31
N ASN B 51 -22.70 21.67 -16.21
CA ASN B 51 -23.51 21.98 -15.03
C ASN B 51 -22.78 21.73 -13.71
N PHE B 52 -21.46 21.59 -13.72
CA PHE B 52 -20.74 21.12 -12.54
C PHE B 52 -19.32 21.65 -12.51
N VAL B 53 -18.88 22.12 -11.35
CA VAL B 53 -17.46 22.37 -11.11
C VAL B 53 -17.07 21.80 -9.76
N ARG B 54 -15.87 21.24 -9.69
CA ARG B 54 -15.24 20.86 -8.44
C ARG B 54 -14.11 21.83 -8.14
N ILE B 55 -14.01 22.23 -6.88
CA ILE B 55 -13.04 23.21 -6.41
C ILE B 55 -12.07 22.53 -5.45
N PRO B 56 -10.94 22.00 -5.93
CA PRO B 56 -9.96 21.39 -5.02
C PRO B 56 -9.18 22.48 -4.27
N MET B 57 -9.28 22.49 -2.94
CA MET B 57 -8.76 23.60 -2.15
C MET B 57 -7.60 23.16 -1.27
N CYS B 58 -6.61 24.03 -1.12
CA CYS B 58 -5.46 23.82 -0.25
C CYS B 58 -5.69 24.54 1.08
N HIS B 59 -5.81 23.78 2.18
CA HIS B 59 -6.21 24.42 3.44
C HIS B 59 -5.20 25.43 3.92
N LEU B 60 -3.95 25.34 3.50
CA LEU B 60 -2.94 26.30 3.94
C LEU B 60 -3.23 27.70 3.41
N LEU B 61 -4.12 27.84 2.43
CA LEU B 61 -4.54 29.17 1.99
C LEU B 61 -5.30 29.92 3.06
N TRP B 62 -5.89 29.23 4.03
CA TRP B 62 -6.57 29.88 5.13
C TRP B 62 -6.11 29.40 6.49
N SER B 63 -5.01 28.68 6.57
CA SER B 63 -4.60 28.04 7.82
C SER B 63 -3.09 28.21 7.97
N ASP B 64 -2.49 27.35 8.78
CA ASP B 64 -1.10 27.50 9.17
C ASP B 64 -0.42 26.13 9.23
N ARG B 65 0.80 26.06 8.70
CA ARG B 65 1.54 24.80 8.70
C ARG B 65 1.79 24.31 10.12
N GLY B 66 1.97 25.22 11.07
CA GLY B 66 2.32 24.84 12.43
C GLY B 66 1.12 24.60 13.32
N ASN B 67 0.03 25.33 13.07
CA ASN B 67 -1.19 25.19 13.87
C ASN B 67 -2.36 24.89 12.95
N PRO B 68 -2.78 23.63 12.84
CA PRO B 68 -3.84 23.27 11.89
C PRO B 68 -5.23 23.71 12.31
N PHE B 69 -5.39 24.34 13.47
CA PHE B 69 -6.70 24.84 13.90
C PHE B 69 -6.94 26.27 13.49
N ILE B 70 -5.95 26.95 12.90
CA ILE B 70 -6.15 28.31 12.42
C ILE B 70 -7.06 28.31 11.19
N ILE B 71 -8.05 29.20 11.21
CA ILE B 71 -8.92 29.46 10.07
C ILE B 71 -9.01 30.97 9.90
N ARG B 72 -8.58 31.46 8.74
CA ARG B 72 -8.72 32.87 8.40
C ARG B 72 -9.96 32.99 7.52
N GLU B 73 -11.08 33.33 8.15
CA GLU B 73 -12.38 33.27 7.46
C GLU B 73 -12.41 34.16 6.23
N ASP B 74 -11.61 35.22 6.21
CA ASP B 74 -11.63 36.16 5.09
C ASP B 74 -11.38 35.46 3.76
N PHE B 75 -10.58 34.39 3.76
CA PHE B 75 -10.29 33.71 2.51
C PHE B 75 -11.57 33.28 1.82
N PHE B 76 -12.57 32.86 2.58
CA PHE B 76 -13.75 32.24 1.99
C PHE B 76 -14.67 33.24 1.29
N GLU B 77 -14.38 34.54 1.36
CA GLU B 77 -15.05 35.48 0.46
C GLU B 77 -14.79 35.11 -0.99
N LYS B 78 -13.67 34.46 -1.28
CA LYS B 78 -13.36 34.02 -2.63
C LYS B 78 -14.18 32.81 -3.01
N ILE B 79 -14.47 31.93 -2.05
CA ILE B 79 -15.37 30.80 -2.29
C ILE B 79 -16.82 31.27 -2.33
N ASP B 80 -17.17 32.26 -1.52
CA ASP B 80 -18.50 32.86 -1.58
C ASP B 80 -18.82 33.33 -2.99
N ARG B 81 -17.83 33.89 -3.69
CA ARG B 81 -18.03 34.38 -5.05
C ARG B 81 -18.35 33.22 -6.01
N VAL B 82 -17.66 32.09 -5.82
CA VAL B 82 -17.89 30.92 -6.65
C VAL B 82 -19.31 30.41 -6.48
N ILE B 83 -19.81 30.42 -5.24
CA ILE B 83 -21.18 29.97 -4.98
C ILE B 83 -22.17 30.92 -5.63
N PHE B 84 -21.91 32.23 -5.58
CA PHE B 84 -22.74 33.21 -6.30
C PHE B 84 -22.78 32.87 -7.80
N TRP B 85 -21.61 32.65 -8.41
CA TRP B 85 -21.57 32.32 -9.83
C TRP B 85 -22.23 30.98 -10.10
N GLY B 86 -22.11 30.03 -9.19
CA GLY B 86 -22.84 28.78 -9.34
C GLY B 86 -24.34 29.00 -9.45
N GLU B 87 -24.88 29.89 -8.61
CA GLU B 87 -26.30 30.21 -8.71
C GLU B 87 -26.60 30.99 -9.97
N LYS B 88 -25.74 31.96 -10.31
CA LYS B 88 -26.01 32.84 -11.45
C LYS B 88 -26.02 32.07 -12.77
N TYR B 89 -25.17 31.05 -12.91
CA TYR B 89 -25.01 30.34 -14.17
C TYR B 89 -25.57 28.91 -14.14
N GLY B 90 -26.11 28.46 -13.02
CA GLY B 90 -26.69 27.13 -12.97
C GLY B 90 -25.65 26.04 -12.95
N ILE B 91 -24.60 26.22 -12.18
CA ILE B 91 -23.48 25.28 -12.10
C ILE B 91 -23.36 24.82 -10.66
N HIS B 92 -23.49 23.51 -10.44
CA HIS B 92 -23.28 22.94 -9.12
C HIS B 92 -21.84 23.18 -8.68
N ILE B 93 -21.66 23.49 -7.40
CA ILE B 93 -20.33 23.67 -6.81
C ILE B 93 -20.05 22.52 -5.85
N CYS B 94 -18.95 21.82 -6.09
CA CYS B 94 -18.46 20.79 -5.19
C CYS B 94 -17.14 21.29 -4.62
N ILE B 95 -17.13 21.66 -3.34
CA ILE B 95 -15.88 22.12 -2.70
C ILE B 95 -15.20 20.93 -2.05
N SER B 96 -13.90 20.84 -2.27
CA SER B 96 -13.11 19.69 -1.91
C SER B 96 -11.88 20.15 -1.14
N LEU B 97 -11.45 19.38 -0.14
CA LEU B 97 -10.17 19.61 0.48
C LEU B 97 -9.13 18.76 -0.24
N HIS B 98 -8.25 19.45 -0.98
CA HIS B 98 -7.17 18.77 -1.66
C HIS B 98 -5.95 18.61 -0.76
N ARG B 99 -5.69 19.60 0.09
CA ARG B 99 -4.82 19.46 1.23
C ARG B 99 -5.64 19.78 2.47
N ALA B 100 -5.54 18.91 3.45
CA ALA B 100 -6.12 19.09 4.78
C ALA B 100 -5.00 18.83 5.77
N PRO B 101 -5.20 19.20 7.03
CA PRO B 101 -4.20 18.83 8.04
C PRO B 101 -3.86 17.36 7.98
N GLY B 102 -2.59 17.06 7.66
CA GLY B 102 -2.12 15.70 7.64
C GLY B 102 -2.33 14.91 6.36
N TYR B 103 -2.83 15.51 5.27
CA TYR B 103 -2.89 14.75 4.02
C TYR B 103 -3.02 15.64 2.79
N SER B 104 -2.16 15.34 1.79
CA SER B 104 -2.39 15.76 0.42
C SER B 104 -1.54 14.92 -0.51
N VAL B 105 -2.08 14.68 -1.72
CA VAL B 105 -1.26 14.07 -2.77
C VAL B 105 -0.33 15.08 -3.42
N ASN B 106 -0.54 16.37 -3.17
CA ASN B 106 0.28 17.41 -3.77
C ASN B 106 1.60 17.51 -3.02
N LYS B 107 2.70 17.24 -3.70
CA LYS B 107 4.01 17.18 -3.05
C LYS B 107 4.64 18.55 -2.84
N GLU B 108 3.96 19.65 -3.18
CA GLU B 108 4.58 20.96 -3.03
C GLU B 108 4.91 21.26 -1.58
N VAL B 109 4.21 20.62 -0.64
CA VAL B 109 4.47 20.71 0.79
C VAL B 109 4.31 19.30 1.36
N GLU B 110 5.21 18.91 2.26
CA GLU B 110 5.15 17.61 2.93
C GLU B 110 4.45 17.76 4.27
N GLU B 111 3.33 17.06 4.44
CA GLU B 111 2.66 17.08 5.74
C GLU B 111 3.52 16.36 6.77
N LYS B 112 3.69 16.98 7.92
CA LYS B 112 4.48 16.38 8.98
C LYS B 112 3.67 15.37 9.79
N THR B 113 2.34 15.45 9.73
CA THR B 113 1.46 14.54 10.44
C THR B 113 0.72 13.65 9.45
N ASN B 114 0.10 12.59 9.98
CA ASN B 114 -0.62 11.61 9.18
C ASN B 114 -2.10 11.67 9.54
N LEU B 115 -2.89 12.29 8.67
CA LEU B 115 -4.33 12.43 8.92
C LEU B 115 -4.98 11.10 9.31
N TRP B 116 -4.51 9.99 8.75
CA TRP B 116 -5.24 8.73 8.87
C TRP B 116 -5.03 8.07 10.23
N LYS B 117 -3.99 8.47 10.95
CA LYS B 117 -3.65 7.89 12.23
C LYS B 117 -3.64 8.88 13.39
N ASP B 118 -3.46 10.17 13.13
CA ASP B 118 -3.10 11.13 14.18
C ASP B 118 -4.35 11.83 14.69
N GLU B 119 -4.60 11.68 16.00
CA GLU B 119 -5.84 12.21 16.57
C GLU B 119 -5.94 13.72 16.39
N THR B 120 -4.83 14.44 16.53
CA THR B 120 -4.88 15.90 16.44
C THR B 120 -5.18 16.34 15.02
N ALA B 121 -4.59 15.68 14.02
CA ALA B 121 -4.90 16.03 12.64
C ALA B 121 -6.36 15.77 12.33
N GLN B 122 -6.92 14.68 12.86
CA GLN B 122 -8.32 14.36 12.63
C GLN B 122 -9.24 15.38 13.29
N GLU B 123 -8.91 15.81 14.50
CA GLU B 123 -9.67 16.90 15.12
C GLU B 123 -9.67 18.14 14.23
N ALA B 124 -8.50 18.52 13.71
CA ALA B 124 -8.41 19.70 12.88
C ALA B 124 -9.20 19.53 11.58
N PHE B 125 -9.13 18.34 10.97
CA PHE B 125 -9.92 18.04 9.79
C PHE B 125 -11.41 18.31 10.04
N ILE B 126 -11.91 17.82 11.17
CA ILE B 126 -13.33 18.00 11.50
C ILE B 126 -13.62 19.47 11.83
N HIS B 127 -12.64 20.16 12.44
CA HIS B 127 -12.74 21.58 12.74
C HIS B 127 -12.93 22.40 11.47
N HIS B 128 -12.13 22.12 10.44
CA HIS B 128 -12.27 22.82 9.17
C HIS B 128 -13.60 22.52 8.51
N TRP B 129 -13.98 21.24 8.46
CA TRP B 129 -15.23 20.91 7.79
C TRP B 129 -16.43 21.44 8.55
N SER B 130 -16.34 21.52 9.87
CA SER B 130 -17.43 22.11 10.64
C SER B 130 -17.57 23.60 10.34
N PHE B 131 -16.44 24.30 10.21
CA PHE B 131 -16.48 25.71 9.83
C PHE B 131 -17.14 25.89 8.47
N ILE B 132 -16.76 25.08 7.49
CA ILE B 132 -17.32 25.20 6.16
C ILE B 132 -18.81 24.85 6.16
N ALA B 133 -19.18 23.78 6.89
CA ALA B 133 -20.58 23.39 6.96
C ALA B 133 -21.43 24.51 7.55
N ARG B 134 -20.93 25.18 8.59
CA ARG B 134 -21.69 26.28 9.18
C ARG B 134 -21.79 27.45 8.22
N ARG B 135 -20.71 27.76 7.50
CA ARG B 135 -20.71 28.94 6.65
C ARG B 135 -21.75 28.81 5.54
N TYR B 136 -21.93 27.60 5.00
CA TYR B 136 -22.78 27.42 3.83
C TYR B 136 -24.08 26.68 4.16
N LYS B 137 -24.42 26.56 5.43
CA LYS B 137 -25.73 26.05 5.81
C LYS B 137 -26.79 26.94 5.17
N GLY B 138 -27.79 26.32 4.55
CA GLY B 138 -28.81 27.05 3.84
C GLY B 138 -28.61 27.09 2.34
N ILE B 139 -27.39 26.86 1.85
CA ILE B 139 -27.18 26.62 0.43
C ILE B 139 -27.59 25.18 0.14
N SER B 140 -28.55 25.00 -0.76
CA SER B 140 -29.10 23.69 -1.05
C SER B 140 -28.03 22.74 -1.61
N SER B 141 -28.25 21.44 -1.41
CA SER B 141 -27.38 20.44 -2.02
C SER B 141 -27.53 20.38 -3.53
N THR B 142 -28.62 20.89 -4.09
CA THR B 142 -28.67 21.02 -5.53
C THR B 142 -27.56 21.91 -6.03
N HIS B 143 -27.16 22.90 -5.22
CA HIS B 143 -26.16 23.88 -5.61
C HIS B 143 -24.78 23.65 -5.01
N LEU B 144 -24.67 22.92 -3.90
CA LEU B 144 -23.38 22.81 -3.21
C LEU B 144 -23.23 21.44 -2.54
N SER B 145 -22.11 20.78 -2.81
CA SER B 145 -21.74 19.55 -2.12
C SER B 145 -20.33 19.67 -1.55
N PHE B 146 -20.02 18.76 -0.62
CA PHE B 146 -18.72 18.73 0.07
C PHE B 146 -18.01 17.42 -0.26
N ASN B 147 -16.80 17.52 -0.79
CA ASN B 147 -15.94 16.37 -1.08
C ASN B 147 -14.83 16.36 -0.03
N LEU B 148 -14.88 15.37 0.87
CA LEU B 148 -14.21 15.53 2.16
C LEU B 148 -12.68 15.58 2.03
N ILE B 149 -12.08 14.68 1.24
CA ILE B 149 -10.63 14.64 1.10
C ILE B 149 -10.28 14.04 -0.26
N ASN B 150 -9.36 14.68 -0.98
CA ASN B 150 -9.01 14.21 -2.31
C ASN B 150 -8.06 13.00 -2.26
N GLU B 151 -8.44 11.94 -2.97
CA GLU B 151 -7.58 10.80 -3.33
C GLU B 151 -6.80 10.22 -2.16
N PRO B 152 -7.47 9.58 -1.21
CA PRO B 152 -6.74 8.79 -0.21
C PRO B 152 -5.94 7.70 -0.89
N PRO B 153 -4.90 7.21 -0.23
CA PRO B 153 -4.02 6.22 -0.85
C PRO B 153 -4.59 4.81 -0.84
N PHE B 154 -3.78 3.83 -1.23
CA PHE B 154 -4.18 2.45 -1.00
C PHE B 154 -4.10 2.15 0.49
N PRO B 155 -4.95 1.26 1.00
CA PRO B 155 -5.09 1.08 2.45
C PRO B 155 -4.05 0.16 3.06
N ASP B 156 -2.79 0.52 2.87
CA ASP B 156 -1.68 -0.08 3.61
C ASP B 156 -1.84 0.29 5.08
N PRO B 157 -2.10 -0.66 6.00
CA PRO B 157 -2.44 -0.28 7.38
C PRO B 157 -1.29 0.33 8.15
N GLN B 158 -0.07 0.28 7.63
CA GLN B 158 1.02 1.01 8.27
C GLN B 158 0.92 2.51 8.05
N ILE B 159 -0.01 2.95 7.20
CA ILE B 159 -0.24 4.35 6.90
C ILE B 159 -1.71 4.69 7.06
N MET B 160 -2.58 3.89 6.44
CA MET B 160 -4.03 4.09 6.50
C MET B 160 -4.71 2.74 6.29
N SER B 161 -5.27 2.17 7.34
CA SER B 161 -6.08 0.97 7.16
C SER B 161 -7.44 1.34 6.57
N VAL B 162 -8.16 0.34 6.06
CA VAL B 162 -9.53 0.60 5.63
C VAL B 162 -10.34 1.18 6.78
N GLU B 163 -10.13 0.66 7.99
CA GLU B 163 -10.88 1.13 9.16
C GLU B 163 -10.48 2.55 9.54
N ASP B 164 -9.18 2.88 9.46
CA ASP B 164 -8.74 4.25 9.70
C ASP B 164 -9.53 5.22 8.83
N HIS B 165 -9.62 4.92 7.53
CA HIS B 165 -10.31 5.80 6.61
C HIS B 165 -11.80 5.86 6.94
N ASN B 166 -12.45 4.69 7.05
CA ASN B 166 -13.89 4.67 7.20
C ASN B 166 -14.33 5.32 8.51
N SER B 167 -13.58 5.12 9.58
CA SER B 167 -13.96 5.71 10.86
CA SER B 167 -13.95 5.71 10.86
C SER B 167 -13.85 7.23 10.82
N LEU B 168 -12.78 7.75 10.20
CA LEU B 168 -12.64 9.20 10.09
C LEU B 168 -13.74 9.79 9.22
N ILE B 169 -14.02 9.18 8.07
CA ILE B 169 -15.06 9.68 7.18
C ILE B 169 -16.41 9.67 7.89
N LYS B 170 -16.71 8.59 8.61
CA LYS B 170 -18.00 8.51 9.30
C LYS B 170 -18.12 9.58 10.39
N ARG B 171 -17.05 9.76 11.17
CA ARG B 171 -17.07 10.81 12.20
CA ARG B 171 -17.06 10.81 12.20
C ARG B 171 -17.25 12.18 11.56
N THR B 172 -16.60 12.42 10.43
CA THR B 172 -16.66 13.74 9.80
C THR B 172 -18.06 14.01 9.26
N ILE B 173 -18.64 13.01 8.58
CA ILE B 173 -20.00 13.16 8.07
C ILE B 173 -20.98 13.41 9.21
N THR B 174 -20.81 12.69 10.32
CA THR B 174 -21.68 12.88 11.48
C THR B 174 -21.64 14.33 11.96
N GLU B 175 -20.45 14.94 12.03
CA GLU B 175 -20.37 16.30 12.54
C GLU B 175 -20.91 17.31 11.53
N ILE B 176 -20.64 17.11 10.24
CA ILE B 176 -21.23 17.97 9.21
C ILE B 176 -22.75 17.87 9.25
N ARG B 177 -23.28 16.66 9.41
CA ARG B 177 -24.73 16.46 9.33
C ARG B 177 -25.43 16.94 10.60
N LYS B 178 -24.73 16.98 11.74
CA LYS B 178 -25.30 17.62 12.92
C LYS B 178 -25.52 19.11 12.68
N ILE B 179 -24.64 19.72 11.88
CA ILE B 179 -24.78 21.13 11.54
C ILE B 179 -25.78 21.33 10.40
N ASP B 180 -25.69 20.49 9.37
CA ASP B 180 -26.50 20.62 8.16
C ASP B 180 -26.98 19.23 7.76
N PRO B 181 -28.15 18.80 8.26
CA PRO B 181 -28.58 17.42 8.02
C PRO B 181 -28.79 17.06 6.56
N GLU B 182 -28.93 18.03 5.67
CA GLU B 182 -29.25 17.75 4.28
C GLU B 182 -28.04 17.84 3.35
N ARG B 183 -26.84 18.09 3.86
CA ARG B 183 -25.69 18.36 3.01
C ARG B 183 -25.25 17.09 2.28
N LEU B 184 -25.26 17.17 0.95
CA LEU B 184 -24.72 16.10 0.11
C LEU B 184 -23.20 16.03 0.26
N ILE B 185 -22.68 14.81 0.37
CA ILE B 185 -21.26 14.59 0.64
C ILE B 185 -20.69 13.63 -0.39
N ILE B 186 -19.51 13.97 -0.90
CA ILE B 186 -18.80 13.18 -1.91
C ILE B 186 -17.57 12.56 -1.27
N ILE B 187 -17.40 11.25 -1.45
CA ILE B 187 -16.32 10.49 -0.84
C ILE B 187 -15.45 9.88 -1.93
N ASP B 188 -14.17 10.25 -1.96
CA ASP B 188 -13.26 9.71 -2.96
C ASP B 188 -12.96 8.24 -2.67
N GLY B 189 -12.82 7.45 -3.74
CA GLY B 189 -12.40 6.08 -3.57
C GLY B 189 -10.99 5.97 -3.04
N LEU B 190 -10.67 4.81 -2.47
CA LEU B 190 -9.32 4.54 -2.04
C LEU B 190 -8.45 4.24 -3.26
N GLY B 191 -7.15 4.08 -3.03
CA GLY B 191 -6.26 3.86 -4.15
C GLY B 191 -6.22 5.05 -5.07
N TYR B 192 -6.23 6.26 -4.49
CA TYR B 192 -6.19 7.52 -5.23
C TYR B 192 -7.43 7.68 -6.11
N GLY B 193 -8.59 7.34 -5.53
CA GLY B 193 -9.84 7.55 -6.21
C GLY B 193 -10.25 6.46 -7.15
N ASN B 194 -9.75 5.24 -6.96
CA ASN B 194 -9.98 4.17 -7.92
C ASN B 194 -10.69 2.95 -7.34
N ILE B 195 -10.76 2.81 -6.02
CA ILE B 195 -11.35 1.63 -5.38
C ILE B 195 -12.62 2.06 -4.65
N PRO B 196 -13.78 1.48 -4.97
CA PRO B 196 -14.99 1.79 -4.18
C PRO B 196 -14.78 1.47 -2.71
N VAL B 197 -15.45 2.24 -1.85
CA VAL B 197 -15.39 2.08 -0.40
C VAL B 197 -16.60 1.25 0.04
N ASP B 198 -16.34 0.07 0.62
CA ASP B 198 -17.39 -0.93 0.76
C ASP B 198 -18.34 -0.62 1.91
N ASP B 199 -17.82 -0.24 3.07
CA ASP B 199 -18.64 -0.18 4.29
C ASP B 199 -19.04 1.26 4.60
N LEU B 200 -19.62 1.93 3.62
CA LEU B 200 -19.94 3.34 3.74
C LEU B 200 -21.33 3.62 3.14
N THR B 201 -22.31 2.87 3.62
CA THR B 201 -23.68 3.06 3.16
C THR B 201 -24.32 4.14 4.03
N ILE B 202 -24.10 5.39 3.63
CA ILE B 202 -24.63 6.56 4.31
C ILE B 202 -25.57 7.28 3.35
N GLU B 203 -26.70 7.73 3.87
CA GLU B 203 -27.69 8.39 3.03
C GLU B 203 -27.12 9.67 2.42
N ASN B 204 -27.53 9.95 1.19
CA ASN B 204 -27.21 11.21 0.52
C ASN B 204 -25.71 11.39 0.37
N THR B 205 -25.04 10.33 -0.06
CA THR B 205 -23.62 10.41 -0.40
C THR B 205 -23.40 9.92 -1.81
N VAL B 206 -22.29 10.39 -2.36
CA VAL B 206 -21.78 9.99 -3.66
C VAL B 206 -20.34 9.55 -3.47
N GLN B 207 -19.94 8.49 -4.14
CA GLN B 207 -18.54 8.10 -4.17
C GLN B 207 -17.95 8.49 -5.52
N SER B 208 -16.70 8.94 -5.49
CA SER B 208 -16.07 9.55 -6.66
C SER B 208 -14.89 8.71 -7.11
N CYS B 209 -14.95 8.26 -8.36
CA CYS B 209 -13.89 7.50 -8.99
C CYS B 209 -13.04 8.44 -9.85
N ARG B 210 -12.17 7.85 -10.67
CA ARG B 210 -11.19 8.61 -11.45
C ARG B 210 -11.12 8.10 -12.88
N GLY B 211 -10.74 9.01 -13.78
CA GLY B 211 -10.66 8.74 -15.20
C GLY B 211 -9.28 9.04 -15.76
N TYR B 212 -8.26 8.46 -15.14
CA TYR B 212 -6.88 8.61 -15.57
C TYR B 212 -6.29 7.31 -16.07
N ILE B 213 -7.07 6.24 -16.09
CA ILE B 213 -6.61 4.94 -16.58
C ILE B 213 -6.68 4.95 -18.10
N PRO B 214 -5.57 4.67 -18.82
CA PRO B 214 -4.22 4.30 -18.38
C PRO B 214 -3.24 5.47 -18.35
N PHE B 215 -2.29 5.39 -17.41
CA PHE B 215 -1.33 6.47 -17.21
C PHE B 215 -0.45 6.70 -18.42
N SER B 216 -0.16 5.68 -19.23
CA SER B 216 0.70 5.91 -20.38
C SER B 216 0.03 6.84 -21.39
N VAL B 217 -1.30 6.91 -21.37
CA VAL B 217 -2.02 7.89 -22.18
C VAL B 217 -2.19 9.21 -21.42
N THR B 218 -2.64 9.15 -20.16
CA THR B 218 -3.07 10.34 -19.46
C THR B 218 -1.95 11.09 -18.75
N HIS B 219 -0.85 10.39 -18.40
CA HIS B 219 0.24 11.00 -17.65
C HIS B 219 1.58 10.84 -18.35
N TYR B 220 1.58 10.66 -19.66
CA TYR B 220 2.81 10.59 -20.43
C TYR B 220 3.64 11.86 -20.22
N LYS B 221 4.89 11.67 -19.82
CA LYS B 221 5.86 12.75 -19.58
C LYS B 221 5.40 13.69 -18.46
N ALA B 222 4.48 13.26 -17.61
CA ALA B 222 4.13 14.04 -16.44
C ALA B 222 5.33 14.19 -15.50
N GLU B 223 5.54 15.41 -15.00
CA GLU B 223 6.68 15.71 -14.15
C GLU B 223 6.46 15.29 -12.70
N TRP B 224 5.21 15.25 -12.25
CA TRP B 224 4.86 15.05 -10.85
C TRP B 224 4.63 13.60 -10.49
N VAL B 225 4.75 12.67 -11.45
CA VAL B 225 4.82 11.25 -11.16
C VAL B 225 6.06 10.70 -11.84
N ASP B 226 6.45 9.51 -11.44
CA ASP B 226 7.63 8.85 -12.02
C ASP B 226 7.23 8.26 -13.36
N SER B 227 7.36 9.07 -14.41
CA SER B 227 6.85 8.71 -15.73
C SER B 227 7.95 8.31 -16.72
N LYS B 228 9.21 8.27 -16.28
CA LYS B 228 10.31 8.18 -17.24
C LYS B 228 10.27 6.89 -18.05
N ASP B 229 9.69 5.82 -17.50
CA ASP B 229 9.67 4.53 -18.19
C ASP B 229 8.33 4.20 -18.82
N PHE B 230 7.39 5.14 -18.83
CA PHE B 230 6.10 4.86 -19.48
C PHE B 230 6.34 4.55 -20.97
N PRO B 231 5.62 3.60 -21.53
CA PRO B 231 5.72 3.38 -22.97
C PRO B 231 5.10 4.53 -23.75
N VAL B 232 5.44 4.59 -25.02
CA VAL B 232 4.84 5.58 -25.94
C VAL B 232 3.32 5.41 -25.89
N PRO B 233 2.55 6.51 -25.77
CA PRO B 233 1.09 6.36 -25.69
C PRO B 233 0.50 5.64 -26.89
N GLU B 234 -0.41 4.71 -26.60
CA GLU B 234 -1.28 4.19 -27.64
C GLU B 234 -2.61 3.78 -27.01
N TRP B 235 -3.64 3.76 -27.84
CA TRP B 235 -4.95 3.35 -27.39
C TRP B 235 -5.64 2.71 -28.59
N PRO B 236 -6.21 1.51 -28.46
CA PRO B 236 -6.24 0.71 -27.22
C PRO B 236 -4.88 0.09 -26.88
N ASN B 237 -4.86 -0.71 -25.83
CA ASN B 237 -3.65 -1.32 -25.32
C ASN B 237 -2.72 -0.30 -24.69
N GLY B 238 -3.31 0.72 -24.06
CA GLY B 238 -2.55 1.61 -23.20
C GLY B 238 -2.11 0.90 -21.94
N TRP B 239 -1.18 1.53 -21.22
CA TRP B 239 -0.43 0.87 -20.16
C TRP B 239 -0.62 1.63 -18.85
N HIS B 240 -0.82 0.89 -17.77
CA HIS B 240 -1.13 1.47 -16.47
C HIS B 240 -0.50 0.62 -15.37
N PHE B 241 0.56 1.14 -14.75
CA PHE B 241 1.27 0.44 -13.68
C PHE B 241 1.43 -1.05 -13.98
N GLY B 242 1.95 -1.34 -15.18
CA GLY B 242 2.33 -2.68 -15.57
C GLY B 242 1.28 -3.47 -16.32
N GLU B 243 0.04 -2.98 -16.41
CA GLU B 243 -1.07 -3.70 -17.02
C GLU B 243 -1.57 -2.96 -18.26
N TYR B 244 -2.07 -3.74 -19.23
CA TYR B 244 -2.56 -3.20 -20.48
C TYR B 244 -4.08 -3.09 -20.46
N TRP B 245 -4.58 -2.01 -21.07
CA TRP B 245 -5.97 -1.61 -20.95
C TRP B 245 -6.59 -1.38 -22.31
N ASN B 246 -7.88 -1.70 -22.41
CA ASN B 246 -8.70 -1.43 -23.57
C ASN B 246 -10.09 -1.03 -23.06
N ARG B 247 -11.04 -0.81 -23.95
CA ARG B 247 -12.32 -0.32 -23.43
C ARG B 247 -13.10 -1.43 -22.72
N GLU B 248 -12.88 -2.70 -23.06
CA GLU B 248 -13.51 -3.77 -22.31
C GLU B 248 -13.05 -3.78 -20.86
N LYS B 249 -11.76 -3.53 -20.62
CA LYS B 249 -11.27 -3.51 -19.24
C LYS B 249 -11.76 -2.26 -18.52
N LEU B 250 -11.82 -1.12 -19.21
CA LEU B 250 -12.44 0.07 -18.60
C LEU B 250 -13.87 -0.24 -18.21
N LEU B 251 -14.63 -0.87 -19.10
CA LEU B 251 -16.01 -1.19 -18.79
C LEU B 251 -16.11 -2.07 -17.55
N GLU B 252 -15.25 -3.09 -17.46
CA GLU B 252 -15.28 -3.98 -16.31
C GLU B 252 -14.99 -3.20 -15.03
N HIS B 253 -14.04 -2.26 -15.10
CA HIS B 253 -13.65 -1.48 -13.93
C HIS B 253 -14.79 -0.62 -13.43
N TYR B 254 -15.44 0.14 -14.32
CA TYR B 254 -16.51 1.02 -13.86
C TYR B 254 -17.81 0.28 -13.58
N LEU B 255 -17.99 -0.94 -14.10
CA LEU B 255 -19.10 -1.76 -13.65
C LEU B 255 -19.00 -2.10 -12.17
N THR B 256 -17.79 -2.36 -11.66
CA THR B 256 -17.66 -2.61 -10.23
C THR B 256 -18.03 -1.38 -9.44
N TRP B 257 -17.78 -0.19 -9.99
CA TRP B 257 -18.11 1.04 -9.29
C TRP B 257 -19.63 1.21 -9.16
N ILE B 258 -20.38 1.01 -10.25
CA ILE B 258 -21.80 1.32 -10.20
C ILE B 258 -22.57 0.26 -9.44
N LYS B 259 -21.89 -0.81 -9.01
CA LYS B 259 -22.55 -1.74 -8.08
C LYS B 259 -22.94 -1.06 -6.78
N LEU B 260 -22.28 0.06 -6.43
CA LEU B 260 -22.62 0.80 -5.22
C LEU B 260 -24.06 1.30 -5.25
N ARG B 261 -24.61 1.48 -6.44
CA ARG B 261 -25.99 1.95 -6.54
C ARG B 261 -26.97 0.95 -5.93
N GLN B 262 -26.62 -0.34 -5.91
CA GLN B 262 -27.47 -1.32 -5.26
C GLN B 262 -27.74 -0.94 -3.80
N LYS B 263 -26.79 -0.26 -3.17
CA LYS B 263 -26.91 0.17 -1.79
C LYS B 263 -27.41 1.61 -1.66
N GLY B 264 -27.80 2.24 -2.76
CA GLY B 264 -28.27 3.62 -2.71
C GLY B 264 -27.18 4.67 -2.76
N ILE B 265 -25.98 4.32 -3.20
CA ILE B 265 -24.84 5.23 -3.28
C ILE B 265 -24.61 5.56 -4.75
N GLU B 266 -24.64 6.85 -5.07
CA GLU B 266 -24.39 7.27 -6.44
C GLU B 266 -22.88 7.32 -6.70
N VAL B 267 -22.51 7.33 -7.98
CA VAL B 267 -21.12 7.28 -8.41
C VAL B 267 -20.88 8.39 -9.42
N PHE B 268 -19.71 9.00 -9.33
CA PHE B 268 -19.34 10.17 -10.13
C PHE B 268 -17.83 10.10 -10.38
N CYS B 269 -17.38 10.60 -11.53
CA CYS B 269 -15.95 10.62 -11.85
C CYS B 269 -15.42 12.03 -11.60
N GLY B 270 -14.78 12.23 -10.45
CA GLY B 270 -14.40 13.56 -9.99
C GLY B 270 -13.24 14.19 -10.71
N GLU B 271 -12.37 13.38 -11.33
CA GLU B 271 -11.30 13.89 -12.18
C GLU B 271 -11.08 12.91 -13.31
N MET B 272 -10.89 13.45 -14.51
CA MET B 272 -10.51 12.64 -15.66
C MET B 272 -9.76 13.53 -16.63
N GLY B 273 -9.03 12.88 -17.54
CA GLY B 273 -8.40 13.60 -18.62
C GLY B 273 -6.99 13.15 -18.92
N ALA B 274 -6.37 13.79 -19.90
CA ALA B 274 -5.03 13.45 -20.34
C ALA B 274 -4.17 14.70 -20.40
N TYR B 275 -2.89 14.53 -20.06
CA TYR B 275 -1.90 15.59 -20.09
C TYR B 275 -1.57 15.94 -21.55
N ASN B 276 -0.74 16.97 -21.72
CA ASN B 276 -0.64 17.67 -23.00
C ASN B 276 0.59 17.28 -23.82
N LYS B 277 1.29 16.21 -23.45
CA LYS B 277 2.38 15.66 -24.26
C LYS B 277 1.97 14.42 -25.03
N THR B 278 0.74 13.97 -24.87
CA THR B 278 0.24 12.80 -25.59
C THR B 278 -0.34 13.23 -26.93
N PRO B 279 0.02 12.57 -28.03
CA PRO B 279 -0.56 12.95 -29.32
C PRO B 279 -2.07 13.05 -29.24
N HIS B 280 -2.60 14.08 -29.91
CA HIS B 280 -4.01 14.44 -29.78
C HIS B 280 -4.93 13.31 -30.21
N ASP B 281 -4.58 12.62 -31.30
CA ASP B 281 -5.46 11.56 -31.79
C ASP B 281 -5.57 10.43 -30.77
N VAL B 282 -4.48 10.12 -30.07
CA VAL B 282 -4.55 9.10 -29.03
C VAL B 282 -5.46 9.57 -27.90
N VAL B 283 -5.32 10.83 -27.48
CA VAL B 283 -6.15 11.37 -26.42
C VAL B 283 -7.62 11.27 -26.79
N LEU B 284 -7.97 11.67 -28.01
CA LEU B 284 -9.38 11.69 -28.40
C LEU B 284 -9.95 10.29 -28.55
N LYS B 285 -9.15 9.33 -29.02
CA LYS B 285 -9.62 7.96 -29.13
C LYS B 285 -9.92 7.38 -27.75
N TRP B 286 -8.97 7.55 -26.82
CA TRP B 286 -9.15 7.07 -25.46
C TRP B 286 -10.33 7.79 -24.80
N LEU B 287 -10.39 9.11 -24.92
CA LEU B 287 -11.44 9.87 -24.25
C LEU B 287 -12.82 9.47 -24.76
N GLU B 288 -12.94 9.24 -26.07
CA GLU B 288 -14.23 8.85 -26.62
C GLU B 288 -14.68 7.50 -26.04
N ASP B 289 -13.75 6.56 -25.91
CA ASP B 289 -14.08 5.27 -25.29
C ASP B 289 -14.52 5.44 -23.84
N LEU B 290 -13.77 6.26 -23.08
CA LEU B 290 -14.15 6.47 -21.68
C LEU B 290 -15.54 7.11 -21.58
N LEU B 291 -15.81 8.10 -22.43
CA LEU B 291 -17.11 8.77 -22.39
C LEU B 291 -18.22 7.84 -22.84
N GLU B 292 -17.96 6.98 -23.82
CA GLU B 292 -18.92 5.94 -24.20
C GLU B 292 -19.31 5.09 -23.00
N ILE B 293 -18.32 4.66 -22.23
CA ILE B 293 -18.59 3.84 -21.04
C ILE B 293 -19.40 4.64 -20.03
N PHE B 294 -18.98 5.89 -19.78
CA PHE B 294 -19.70 6.71 -18.81
C PHE B 294 -21.13 6.95 -19.24
N LYS B 295 -21.40 7.06 -20.55
CA LYS B 295 -22.77 7.17 -21.01
C LYS B 295 -23.52 5.86 -20.81
N THR B 296 -22.91 4.74 -21.19
CA THR B 296 -23.54 3.43 -21.00
C THR B 296 -23.95 3.22 -19.54
N LEU B 297 -23.11 3.67 -18.59
CA LEU B 297 -23.32 3.44 -17.18
C LEU B 297 -23.88 4.65 -16.43
N ASN B 298 -24.14 5.75 -17.13
CA ASN B 298 -24.69 6.98 -16.54
C ASN B 298 -23.82 7.50 -15.39
N ILE B 299 -22.51 7.57 -15.64
CA ILE B 299 -21.55 8.12 -14.69
C ILE B 299 -21.21 9.54 -15.13
N GLY B 300 -21.41 10.50 -14.23
CA GLY B 300 -20.99 11.87 -14.48
C GLY B 300 -19.48 12.03 -14.41
N PHE B 301 -18.99 13.16 -14.90
CA PHE B 301 -17.56 13.38 -15.03
C PHE B 301 -17.20 14.84 -14.83
N ALA B 302 -15.94 15.05 -14.41
CA ALA B 302 -15.33 16.36 -14.35
C ALA B 302 -13.92 16.27 -14.91
N LEU B 303 -13.69 16.98 -16.01
CA LEU B 303 -12.34 17.08 -16.56
C LEU B 303 -11.45 17.79 -15.56
N TRP B 304 -10.19 17.37 -15.47
CA TRP B 304 -9.33 17.91 -14.42
C TRP B 304 -9.06 19.41 -14.58
N ASN B 305 -8.98 19.91 -15.81
CA ASN B 305 -8.88 21.35 -16.03
C ASN B 305 -9.98 21.81 -16.99
N PHE B 306 -10.33 23.08 -16.85
CA PHE B 306 -11.10 23.81 -17.85
C PHE B 306 -10.08 24.53 -18.73
N ARG B 307 -9.44 25.55 -18.19
CA ARG B 307 -8.20 26.07 -18.74
C ARG B 307 -7.03 25.35 -18.10
N GLY B 308 -6.10 24.88 -18.91
CA GLY B 308 -4.89 24.24 -18.41
C GLY B 308 -4.49 23.00 -19.17
N PRO B 309 -3.37 22.40 -18.75
CA PRO B 309 -2.80 21.26 -19.52
C PRO B 309 -3.77 20.11 -19.73
N PHE B 310 -4.62 19.79 -18.75
CA PHE B 310 -5.63 18.73 -18.89
C PHE B 310 -6.96 19.26 -19.42
N GLY B 311 -7.03 20.52 -19.85
CA GLY B 311 -8.28 21.16 -20.16
C GLY B 311 -8.60 21.20 -21.66
N ILE B 312 -9.72 21.87 -21.95
CA ILE B 312 -10.14 22.17 -23.31
C ILE B 312 -9.62 23.51 -23.79
N LEU B 313 -9.12 24.35 -22.87
CA LEU B 313 -8.65 25.69 -23.20
C LEU B 313 -7.21 25.85 -22.73
N ASP B 314 -6.40 26.51 -23.55
CA ASP B 314 -5.04 26.89 -23.16
C ASP B 314 -4.23 25.67 -22.71
N SER B 315 -4.42 24.54 -23.40
CA SER B 315 -3.79 23.30 -22.95
C SER B 315 -2.37 23.11 -23.49
N GLU B 316 -1.90 23.99 -24.38
CA GLU B 316 -0.51 24.01 -24.84
C GLU B 316 -0.11 22.69 -25.48
N ARG B 317 -1.03 22.07 -26.22
CA ARG B 317 -0.68 20.92 -27.04
C ARG B 317 -0.04 21.41 -28.32
N LYS B 318 1.00 20.72 -28.77
CA LYS B 318 1.74 21.22 -29.92
C LYS B 318 1.18 20.70 -31.24
N ASP B 319 0.20 19.79 -31.21
CA ASP B 319 -0.33 19.18 -32.43
C ASP B 319 -1.82 19.44 -32.60
N VAL B 320 -2.29 20.60 -32.13
CA VAL B 320 -3.69 20.98 -32.18
C VAL B 320 -3.82 22.33 -32.88
N GLU B 321 -4.78 22.42 -33.82
CA GLU B 321 -5.11 23.69 -34.47
C GLU B 321 -6.22 24.33 -33.63
N TYR B 322 -5.81 25.20 -32.71
CA TYR B 322 -6.74 25.76 -31.74
C TYR B 322 -7.65 26.82 -32.37
N GLU B 323 -8.88 26.86 -31.89
CA GLU B 323 -9.82 27.90 -32.25
C GLU B 323 -9.66 29.11 -31.33
N GLU B 324 -9.75 30.30 -31.89
CA GLU B 324 -9.75 31.50 -31.07
C GLU B 324 -10.99 31.50 -30.18
N TRP B 325 -10.79 31.83 -28.92
CA TRP B 325 -11.88 31.89 -27.96
C TRP B 325 -11.62 33.05 -27.01
N TYR B 326 -11.98 34.25 -27.46
CA TYR B 326 -11.91 35.46 -26.64
C TYR B 326 -10.55 35.58 -25.96
N GLY B 327 -9.49 35.45 -26.75
CA GLY B 327 -8.13 35.58 -26.26
C GLY B 327 -7.51 34.30 -25.80
N HIS B 328 -8.28 33.22 -25.72
CA HIS B 328 -7.82 31.92 -25.32
C HIS B 328 -7.76 30.99 -26.53
N LYS B 329 -7.18 29.82 -26.33
CA LYS B 329 -7.03 28.80 -27.35
C LYS B 329 -7.91 27.60 -27.00
N LEU B 330 -8.89 27.32 -27.87
CA LEU B 330 -9.88 26.29 -27.62
C LEU B 330 -9.60 25.04 -28.45
N ASP B 331 -9.54 23.89 -27.77
CA ASP B 331 -9.48 22.57 -28.41
C ASP B 331 -10.91 22.16 -28.75
N ARG B 332 -11.39 22.64 -29.91
CA ARG B 332 -12.79 22.45 -30.26
C ARG B 332 -13.14 20.97 -30.36
N LYS B 333 -12.25 20.15 -30.92
CA LYS B 333 -12.56 18.73 -31.04
C LYS B 333 -12.78 18.08 -29.67
N MET B 334 -11.92 18.40 -28.69
CA MET B 334 -12.11 17.83 -27.36
C MET B 334 -13.40 18.32 -26.73
N LEU B 335 -13.69 19.61 -26.87
CA LEU B 335 -14.92 20.17 -26.31
C LEU B 335 -16.14 19.47 -26.88
N GLU B 336 -16.21 19.34 -28.21
CA GLU B 336 -17.40 18.75 -28.83
C GLU B 336 -17.54 17.29 -28.47
N LEU B 337 -16.44 16.59 -28.26
CA LEU B 337 -16.51 15.22 -27.76
C LEU B 337 -17.17 15.19 -26.40
N LEU B 338 -16.76 16.10 -25.50
CA LEU B 338 -17.37 16.15 -24.18
C LEU B 338 -18.84 16.53 -24.24
N ARG B 339 -19.20 17.43 -25.16
CA ARG B 339 -20.58 17.87 -25.28
C ARG B 339 -21.47 16.80 -25.86
N LYS B 340 -20.90 15.87 -26.63
CA LYS B 340 -21.65 14.78 -27.25
C LYS B 340 -22.02 13.68 -26.27
N TYR B 341 -21.36 13.63 -25.11
CA TYR B 341 -21.50 12.52 -24.18
C TYR B 341 -21.91 13.03 -22.80
#